data_9N9Y
#
_entry.id   9N9Y
#
_cell.length_a   123.200
_cell.length_b   161.880
_cell.length_c   160.480
_cell.angle_alpha   90.000
_cell.angle_beta   90.000
_cell.angle_gamma   90.000
#
_symmetry.space_group_name_H-M   'I 2 2 2'
#
loop_
_entity.id
_entity.type
_entity.pdbx_description
1 polymer 'WD repeat-containing protein 48'
2 polymer 'Ubiquitin carboxyl-terminal hydrolase 1, N-terminal fragment,Ubiquitin carboxyl-terminal hydrolase 1'
3 non-polymer 'ZINC ION'
4 non-polymer 2-(4-cyclopropyl-6-methoxypyrimidin-5-yl)-7-({4-[1-methyl-4-(trifluoromethyl)-1H-imidazol-2-yl]phenyl}methyl)-5H-pyrrolo[3,2-d]pyrimidine
5 water water
#
loop_
_entity_poly.entity_id
_entity_poly.type
_entity_poly.pdbx_seq_one_letter_code
_entity_poly.pdbx_strand_id
1 'polypeptide(L)'
;MAAHHRQNTAGRRKVQVSYVIRDEVEKYNRNGVNALQLDPALNRLFTAGRDSIIRIWSVNQHKQDPYIASMEHHTDWVND
IVLCCNGKTLISASSDTTVKVWNAHKGFCMSTLRTHKDYVKALAYAKDKELVASAGLDRQIFLWDVNTLTALTASNNTVT
TSSLSGNKDSIYSLAMNQLGTIIVSGSTEKVLRVWDPRTCAKLMKLKGHTDNVKALLLNRDGTQCLSGSSDGTIRLWSLG
QQRCIATYRVHDEGVWALQVNDAFTHVYSGGRDRKIYCTDLRNPDIRVLICEEKAPVLKMELDRSADPPPAIWVATTKST
VNKWTLKGIHNFRASGDYDNDCTNPITPLCTQPDQVIKGGASIIQCHILNDKRHILTKDTNNNVAYWDVLKACKVEDLGK
VDFEDEIKKRFKMVYVPNWFSVDLKTGMLTITLDESDCFAAWVSAKDAGFSSPDGSDPKLNLGGLLLQALLEYWPRTHVN
PMDEEENEVNHVNGEQENRVQKGNGYFQVPPHTPVIFGEAGGRTLFRLLCRDSGGETESMLLNETVPQWVIDITVDKNMP
KFNENLYFQ
;
A
2 'polypeptide(L)'
;GNLGNTCYLNSILQVLYFCPGFKSGVKHLFNIISRKKEALKDEANQKDKGNCKEDSLASYELICSLQSLIISVEQLQASF
LLNPEKYTDELATQPRRLLNTLRELNPMYEGYLQHDAQEVLQCILGNIQETCQLLKKEEGSGSGSGSGSIGFELVEKLFQ
GQLVLRTRCLECESLTERREDFQDISVPVQEDELSKVEESSEISPEPKTEMKTLRWAISQFASVERIVGEDKYFCENCHH
YTEAERSLLFDKMPEVITIHLKCFAASGLEFDCYGGGLSKINTPLLTPLKLSLEEWSTKPTNDSYGLFAVVMHSGITISS
GHYTASVKVTDLNSSLKEYEGKWLLFDDSEVKVTEEKDFLNSLSPSTSPTSTPYLLFYKKL
;
B
#
# COMPACT_ATOMS: atom_id res chain seq x y z
N ARG A 13 2.91 -22.99 -7.35
CA ARG A 13 4.00 -23.88 -7.76
C ARG A 13 4.83 -24.31 -6.55
N LYS A 14 5.56 -23.36 -5.97
CA LYS A 14 6.39 -23.65 -4.81
C LYS A 14 5.51 -23.88 -3.59
N VAL A 15 5.65 -25.05 -2.97
CA VAL A 15 4.82 -25.44 -1.82
C VAL A 15 5.64 -25.29 -0.55
N GLN A 16 5.02 -24.76 0.49
CA GLN A 16 5.62 -24.60 1.80
C GLN A 16 4.80 -25.36 2.83
N VAL A 17 5.48 -25.86 3.86
CA VAL A 17 4.87 -26.65 4.92
C VAL A 17 4.87 -25.80 6.18
N SER A 18 3.69 -25.42 6.65
CA SER A 18 3.55 -24.61 7.84
C SER A 18 2.90 -25.43 8.95
N TYR A 19 2.99 -24.90 10.16
CA TYR A 19 2.27 -25.48 11.29
C TYR A 19 2.11 -24.44 12.38
N VAL A 20 0.98 -24.52 13.08
CA VAL A 20 0.60 -23.53 14.08
C VAL A 20 1.02 -24.02 15.46
N ILE A 21 1.74 -23.18 16.20
CA ILE A 21 2.09 -23.46 17.59
C ILE A 21 1.03 -22.81 18.47
N ARG A 22 0.22 -23.64 19.12
CA ARG A 22 -0.96 -23.15 19.83
C ARG A 22 -1.38 -24.17 20.87
N ASP A 23 -2.35 -23.77 21.69
CA ASP A 23 -3.08 -24.72 22.51
C ASP A 23 -4.12 -25.43 21.66
N GLU A 24 -4.60 -26.57 22.15
CA GLU A 24 -5.53 -27.37 21.36
C GLU A 24 -6.82 -26.61 21.09
N VAL A 25 -7.32 -25.87 22.08
CA VAL A 25 -8.53 -25.08 21.94
C VAL A 25 -8.25 -23.68 22.47
N GLU A 26 -8.30 -22.69 21.58
CA GLU A 26 -8.17 -21.29 21.97
C GLU A 26 -9.56 -20.72 22.18
N LYS A 27 -9.92 -20.50 23.45
CA LYS A 27 -11.27 -20.03 23.77
C LYS A 27 -11.50 -18.61 23.25
N TYR A 28 -10.48 -17.75 23.34
CA TYR A 28 -10.63 -16.34 23.00
C TYR A 28 -9.90 -16.03 21.70
N ASN A 29 -10.35 -14.97 21.03
CA ASN A 29 -9.78 -14.57 19.76
C ASN A 29 -8.39 -13.99 19.97
N ARG A 30 -7.38 -14.64 19.38
CA ARG A 30 -6.02 -14.13 19.42
C ARG A 30 -5.78 -13.02 18.40
N ASN A 31 -6.83 -12.50 17.78
CA ASN A 31 -6.73 -11.41 16.83
C ASN A 31 -8.09 -10.74 16.73
N GLY A 32 -8.13 -9.64 15.96
CA GLY A 32 -9.37 -8.90 15.79
C GLY A 32 -10.40 -9.69 15.00
N VAL A 33 -11.61 -9.14 14.96
CA VAL A 33 -12.75 -9.76 14.29
C VAL A 33 -13.15 -8.89 13.11
N ASN A 34 -13.39 -9.51 11.96
CA ASN A 34 -13.71 -8.79 10.74
C ASN A 34 -15.20 -8.77 10.41
N ALA A 35 -15.99 -9.69 10.96
CA ALA A 35 -17.41 -9.73 10.64
C ALA A 35 -18.17 -10.38 11.79
N LEU A 36 -19.46 -10.10 11.85
CA LEU A 36 -20.34 -10.59 12.91
C LEU A 36 -21.62 -11.15 12.30
N GLN A 37 -22.14 -12.21 12.91
CA GLN A 37 -23.41 -12.81 12.53
C GLN A 37 -24.14 -13.24 13.79
N LEU A 38 -25.46 -12.98 13.82
CA LEU A 38 -26.27 -13.23 15.00
C LEU A 38 -27.40 -14.20 14.67
N ASP A 39 -27.62 -15.16 15.56
CA ASP A 39 -28.72 -16.10 15.42
C ASP A 39 -29.83 -15.70 16.39
N PRO A 40 -30.97 -15.21 15.91
CA PRO A 40 -32.00 -14.70 16.82
C PRO A 40 -32.75 -15.80 17.57
N ALA A 41 -33.03 -16.90 16.88
CA ALA A 41 -33.84 -17.96 17.48
C ALA A 41 -33.07 -18.72 18.54
N LEU A 42 -31.76 -18.86 18.38
CA LEU A 42 -30.94 -19.65 19.29
C LEU A 42 -30.11 -18.81 20.24
N ASN A 43 -30.14 -17.48 20.11
CA ASN A 43 -29.36 -16.56 20.93
C ASN A 43 -27.86 -16.91 20.88
N ARG A 44 -27.34 -16.95 19.67
CA ARG A 44 -25.95 -17.29 19.43
C ARG A 44 -25.30 -16.24 18.52
N LEU A 45 -24.02 -15.98 18.77
CA LEU A 45 -23.25 -14.98 18.05
C LEU A 45 -22.04 -15.64 17.41
N PHE A 46 -21.81 -15.33 16.14
CA PHE A 46 -20.68 -15.87 15.39
C PHE A 46 -19.68 -14.76 15.11
N THR A 47 -18.48 -14.88 15.67
CA THR A 47 -17.42 -13.90 15.48
C THR A 47 -16.38 -14.49 14.53
N ALA A 48 -16.10 -13.78 13.44
CA ALA A 48 -15.13 -14.19 12.44
C ALA A 48 -13.81 -13.48 12.75
N GLY A 49 -13.03 -14.08 13.63
CA GLY A 49 -11.78 -13.46 14.04
C GLY A 49 -10.71 -13.57 12.98
N ARG A 50 -9.77 -12.62 13.01
CA ARG A 50 -8.64 -12.65 12.09
C ARG A 50 -7.64 -13.76 12.42
N ASP A 51 -7.83 -14.46 13.54
CA ASP A 51 -6.97 -15.57 13.91
C ASP A 51 -7.41 -16.90 13.29
N SER A 52 -8.14 -16.85 12.18
CA SER A 52 -8.54 -18.04 11.43
C SER A 52 -9.44 -18.95 12.24
N ILE A 53 -10.19 -18.38 13.20
CA ILE A 53 -11.05 -19.17 14.08
C ILE A 53 -12.39 -18.45 14.20
N ILE A 54 -13.45 -19.11 13.77
CA ILE A 54 -14.81 -18.59 13.91
C ILE A 54 -15.39 -19.10 15.22
N ARG A 55 -15.71 -18.18 16.12
CA ARG A 55 -16.11 -18.54 17.47
C ARG A 55 -17.59 -18.28 17.69
N ILE A 56 -18.28 -19.28 18.23
CA ILE A 56 -19.70 -19.18 18.55
C ILE A 56 -19.84 -18.94 20.05
N TRP A 57 -20.60 -17.91 20.41
CA TRP A 57 -20.84 -17.52 21.79
C TRP A 57 -22.33 -17.43 22.04
N SER A 58 -22.70 -17.31 23.32
CA SER A 58 -24.07 -17.08 23.73
C SER A 58 -24.26 -15.62 24.13
N VAL A 59 -25.39 -15.04 23.72
CA VAL A 59 -25.65 -13.62 23.92
C VAL A 59 -26.51 -13.36 25.14
N ASN A 60 -26.70 -14.35 26.01
CA ASN A 60 -27.57 -14.19 27.16
C ASN A 60 -26.87 -13.42 28.28
N GLN A 61 -27.63 -12.57 28.97
CA GLN A 61 -27.12 -11.93 30.18
C GLN A 61 -26.88 -12.94 31.30
N HIS A 62 -27.54 -14.09 31.24
CA HIS A 62 -27.39 -15.12 32.26
C HIS A 62 -26.05 -15.82 32.21
N LYS A 63 -25.29 -15.64 31.14
CA LYS A 63 -24.00 -16.30 30.98
C LYS A 63 -22.87 -15.44 31.53
N GLN A 64 -21.95 -16.08 32.24
CA GLN A 64 -20.74 -15.41 32.72
C GLN A 64 -19.52 -15.73 31.88
N ASP A 65 -19.42 -16.96 31.35
CA ASP A 65 -18.41 -17.35 30.37
C ASP A 65 -19.17 -17.78 29.13
N PRO A 66 -19.49 -16.85 28.22
CA PRO A 66 -20.44 -17.17 27.15
C PRO A 66 -19.85 -17.94 25.98
N TYR A 67 -18.69 -18.56 26.17
CA TYR A 67 -18.09 -19.35 25.10
C TYR A 67 -18.95 -20.58 24.80
N ILE A 68 -19.16 -20.85 23.52
CA ILE A 68 -19.91 -22.02 23.10
C ILE A 68 -18.99 -22.97 22.33
N ALA A 69 -18.43 -22.51 21.21
CA ALA A 69 -17.68 -23.43 20.35
C ALA A 69 -16.70 -22.65 19.47
N SER A 70 -15.82 -23.42 18.83
CA SER A 70 -14.84 -22.88 17.90
C SER A 70 -14.87 -23.67 16.59
N MET A 71 -14.53 -22.98 15.51
CA MET A 71 -14.42 -23.58 14.17
C MET A 71 -13.10 -23.09 13.60
N GLU A 72 -12.11 -23.99 13.56
CA GLU A 72 -10.72 -23.61 13.34
C GLU A 72 -10.15 -24.21 12.06
N HIS A 73 -10.99 -24.47 11.06
CA HIS A 73 -10.52 -25.08 9.83
C HIS A 73 -9.91 -24.07 8.85
N HIS A 74 -9.99 -22.78 9.16
CA HIS A 74 -9.44 -21.76 8.28
C HIS A 74 -7.93 -21.61 8.49
N THR A 75 -7.30 -20.86 7.59
CA THR A 75 -5.86 -20.66 7.58
C THR A 75 -5.44 -19.23 7.85
N ASP A 76 -6.01 -18.26 7.14
CA ASP A 76 -5.66 -16.86 7.30
C ASP A 76 -6.84 -16.08 7.90
N TRP A 77 -6.87 -14.78 7.66
CA TRP A 77 -7.95 -13.94 8.16
C TRP A 77 -9.31 -14.48 7.72
N VAL A 78 -10.31 -14.29 8.57
CA VAL A 78 -11.70 -14.60 8.25
C VAL A 78 -12.43 -13.26 8.14
N ASN A 79 -12.84 -12.90 6.92
CA ASN A 79 -13.32 -11.55 6.64
C ASN A 79 -14.83 -11.42 6.70
N ASP A 80 -15.59 -12.45 6.33
CA ASP A 80 -17.04 -12.34 6.30
C ASP A 80 -17.66 -13.71 6.54
N ILE A 81 -18.81 -13.72 7.21
CA ILE A 81 -19.56 -14.93 7.50
C ILE A 81 -21.04 -14.66 7.25
N VAL A 82 -21.78 -15.72 6.97
CA VAL A 82 -23.20 -15.62 6.61
C VAL A 82 -23.94 -16.81 7.22
N LEU A 83 -25.03 -16.54 7.93
CA LEU A 83 -25.91 -17.58 8.45
C LEU A 83 -27.01 -17.89 7.42
N CYS A 84 -27.42 -19.16 7.39
CA CYS A 84 -28.39 -19.61 6.40
C CYS A 84 -29.32 -20.64 7.01
N CYS A 85 -30.53 -20.73 6.45
CA CYS A 85 -31.49 -21.79 6.76
C CYS A 85 -31.80 -21.84 8.26
N ASN A 86 -32.37 -20.73 8.75
CA ASN A 86 -32.72 -20.58 10.16
C ASN A 86 -31.53 -20.83 11.08
N GLY A 87 -30.32 -20.56 10.59
CA GLY A 87 -29.13 -20.77 11.39
C GLY A 87 -28.55 -22.17 11.33
N LYS A 88 -28.89 -22.95 10.30
CA LYS A 88 -28.37 -24.30 10.18
C LYS A 88 -27.01 -24.36 9.50
N THR A 89 -26.78 -23.51 8.49
CA THR A 89 -25.55 -23.52 7.73
C THR A 89 -24.86 -22.16 7.84
N LEU A 90 -23.52 -22.17 7.75
CA LEU A 90 -22.75 -20.94 7.73
C LEU A 90 -21.76 -21.00 6.57
N ILE A 91 -21.48 -19.82 5.99
CA ILE A 91 -20.52 -19.70 4.90
C ILE A 91 -19.54 -18.59 5.27
N SER A 92 -18.25 -18.88 5.16
CA SER A 92 -17.20 -17.98 5.60
C SER A 92 -16.25 -17.69 4.45
N ALA A 93 -15.88 -16.41 4.32
CA ALA A 93 -14.86 -15.96 3.39
C ALA A 93 -13.57 -15.69 4.16
N SER A 94 -12.44 -16.05 3.56
CA SER A 94 -11.16 -15.94 4.24
C SER A 94 -10.09 -15.43 3.30
N SER A 95 -8.99 -14.96 3.88
CA SER A 95 -7.84 -14.48 3.12
C SER A 95 -6.96 -15.61 2.60
N ASP A 96 -7.28 -16.87 2.92
CA ASP A 96 -6.57 -18.01 2.37
C ASP A 96 -7.09 -18.42 0.99
N THR A 97 -7.78 -17.50 0.31
CA THR A 97 -8.33 -17.73 -1.03
C THR A 97 -9.34 -18.87 -1.06
N THR A 98 -10.03 -19.10 0.05
CA THR A 98 -11.03 -20.16 0.14
C THR A 98 -12.33 -19.60 0.69
N VAL A 99 -13.43 -20.28 0.35
CA VAL A 99 -14.75 -19.99 0.90
C VAL A 99 -15.26 -21.30 1.51
N LYS A 100 -15.40 -21.32 2.81
CA LYS A 100 -15.73 -22.57 3.51
C LYS A 100 -17.20 -22.60 3.91
N VAL A 101 -17.78 -23.80 3.84
CA VAL A 101 -19.17 -24.04 4.20
C VAL A 101 -19.16 -24.97 5.42
N TRP A 102 -19.82 -24.54 6.49
CA TRP A 102 -19.81 -25.22 7.77
C TRP A 102 -21.23 -25.47 8.25
N ASN A 103 -21.36 -26.47 9.12
CA ASN A 103 -22.60 -26.68 9.87
C ASN A 103 -22.61 -25.72 11.06
N ALA A 104 -23.59 -24.82 11.09
CA ALA A 104 -23.63 -23.82 12.15
C ALA A 104 -24.06 -24.42 13.48
N HIS A 105 -24.81 -25.52 13.45
CA HIS A 105 -25.30 -26.10 14.71
C HIS A 105 -24.19 -26.84 15.45
N LYS A 106 -23.36 -27.60 14.73
CA LYS A 106 -22.33 -28.42 15.35
C LYS A 106 -20.92 -27.90 15.07
N GLY A 107 -20.77 -26.81 14.34
CA GLY A 107 -19.50 -26.13 14.20
C GLY A 107 -18.36 -26.94 13.61
N PHE A 108 -18.54 -27.48 12.40
CA PHE A 108 -17.48 -28.17 11.71
C PHE A 108 -17.57 -27.86 10.22
N CYS A 109 -16.40 -27.83 9.57
CA CYS A 109 -16.34 -27.48 8.16
C CYS A 109 -16.86 -28.62 7.32
N MET A 110 -17.78 -28.31 6.41
CA MET A 110 -18.34 -29.28 5.48
C MET A 110 -17.66 -29.26 4.12
N SER A 111 -17.41 -28.08 3.57
CA SER A 111 -16.80 -27.96 2.24
C SER A 111 -15.88 -26.77 2.20
N THR A 112 -15.00 -26.76 1.20
CA THR A 112 -14.03 -25.68 1.01
C THR A 112 -13.92 -25.39 -0.49
N LEU A 113 -14.66 -24.37 -0.95
CA LEU A 113 -14.56 -23.92 -2.34
C LEU A 113 -13.26 -23.14 -2.53
N ARG A 114 -12.37 -23.67 -3.36
CA ARG A 114 -11.09 -23.02 -3.64
C ARG A 114 -11.13 -22.35 -5.01
N THR A 115 -12.07 -21.44 -5.17
CA THR A 115 -12.37 -20.79 -6.45
C THR A 115 -11.67 -19.46 -6.64
N HIS A 116 -11.59 -18.64 -5.59
CA HIS A 116 -11.00 -17.32 -5.73
C HIS A 116 -9.51 -17.39 -6.00
N LYS A 117 -9.02 -16.49 -6.87
CA LYS A 117 -7.60 -16.41 -7.14
C LYS A 117 -6.85 -15.68 -6.04
N ASP A 118 -7.48 -14.67 -5.42
CA ASP A 118 -6.84 -13.88 -4.37
C ASP A 118 -7.64 -13.97 -3.07
N TYR A 119 -7.48 -12.98 -2.20
CA TYR A 119 -8.21 -12.96 -0.94
C TYR A 119 -9.71 -12.90 -1.21
N VAL A 120 -10.48 -13.58 -0.37
CA VAL A 120 -11.93 -13.50 -0.40
C VAL A 120 -12.36 -12.51 0.68
N LYS A 121 -12.98 -11.41 0.27
CA LYS A 121 -13.18 -10.27 1.15
C LYS A 121 -14.59 -10.15 1.69
N ALA A 122 -15.62 -10.39 0.88
CA ALA A 122 -16.99 -10.11 1.30
C ALA A 122 -17.94 -11.19 0.80
N LEU A 123 -19.07 -11.29 1.50
CA LEU A 123 -20.15 -12.21 1.17
C LEU A 123 -21.48 -11.48 1.20
N ALA A 124 -22.31 -11.74 0.19
CA ALA A 124 -23.66 -11.21 0.12
C ALA A 124 -24.66 -12.36 0.27
N TYR A 125 -25.79 -12.08 0.92
CA TYR A 125 -26.75 -13.11 1.25
C TYR A 125 -28.17 -12.64 0.96
N ALA A 126 -29.00 -13.58 0.52
CA ALA A 126 -30.44 -13.36 0.34
C ALA A 126 -31.15 -14.54 0.98
N LYS A 127 -31.92 -14.27 2.04
CA LYS A 127 -32.54 -15.33 2.82
C LYS A 127 -33.85 -15.83 2.23
N ASP A 128 -34.53 -15.02 1.42
CA ASP A 128 -35.74 -15.49 0.76
C ASP A 128 -35.41 -16.50 -0.33
N LYS A 129 -34.29 -16.32 -1.01
CA LYS A 129 -33.83 -17.25 -2.03
C LYS A 129 -32.85 -18.28 -1.49
N GLU A 130 -32.33 -18.09 -0.29
CA GLU A 130 -31.23 -18.90 0.25
C GLU A 130 -30.06 -18.93 -0.73
N LEU A 131 -29.62 -17.72 -1.08
CA LEU A 131 -28.62 -17.52 -2.13
C LEU A 131 -27.45 -16.72 -1.58
N VAL A 132 -26.23 -17.13 -1.92
CA VAL A 132 -25.05 -16.46 -1.41
C VAL A 132 -24.15 -16.07 -2.57
N ALA A 133 -23.26 -15.11 -2.30
CA ALA A 133 -22.30 -14.65 -3.29
C ALA A 133 -21.01 -14.26 -2.58
N SER A 134 -19.88 -14.62 -3.21
CA SER A 134 -18.55 -14.35 -2.66
C SER A 134 -17.79 -13.42 -3.57
N ALA A 135 -17.11 -12.43 -2.99
CA ALA A 135 -16.30 -11.49 -3.75
C ALA A 135 -15.00 -11.24 -3.02
N GLY A 136 -13.96 -10.93 -3.77
CA GLY A 136 -12.66 -10.69 -3.19
C GLY A 136 -11.78 -9.85 -4.09
N LEU A 137 -10.47 -9.95 -3.85
CA LEU A 137 -9.49 -9.17 -4.59
C LEU A 137 -9.21 -9.72 -5.98
N ASP A 138 -9.81 -10.85 -6.34
CA ASP A 138 -9.61 -11.45 -7.65
C ASP A 138 -10.50 -10.86 -8.73
N ARG A 139 -11.20 -9.76 -8.43
CA ARG A 139 -12.04 -9.04 -9.39
C ARG A 139 -13.18 -9.89 -9.94
N GLN A 140 -13.58 -10.93 -9.20
CA GLN A 140 -14.64 -11.83 -9.65
C GLN A 140 -15.59 -12.11 -8.50
N ILE A 141 -16.88 -12.16 -8.82
CA ILE A 141 -17.94 -12.48 -7.85
C ILE A 141 -18.57 -13.79 -8.27
N PHE A 142 -18.72 -14.71 -7.31
CA PHE A 142 -19.23 -16.04 -7.57
C PHE A 142 -20.54 -16.24 -6.84
N LEU A 143 -21.54 -16.78 -7.54
CA LEU A 143 -22.86 -17.04 -6.97
C LEU A 143 -22.99 -18.50 -6.58
N TRP A 144 -23.71 -18.77 -5.49
CA TRP A 144 -23.85 -20.13 -4.98
C TRP A 144 -25.23 -20.31 -4.37
N ASP A 145 -25.78 -21.50 -4.56
CA ASP A 145 -27.00 -21.92 -3.87
C ASP A 145 -26.62 -22.62 -2.56
N VAL A 146 -27.36 -22.29 -1.50
CA VAL A 146 -27.04 -22.83 -0.19
C VAL A 146 -27.32 -24.33 -0.13
N ASN A 147 -28.49 -24.74 -0.61
CA ASN A 147 -28.85 -26.16 -0.57
C ASN A 147 -27.95 -27.00 -1.46
N THR A 148 -27.38 -26.41 -2.52
CA THR A 148 -26.43 -27.13 -3.34
C THR A 148 -25.12 -27.38 -2.59
N LEU A 149 -24.66 -26.38 -1.84
CA LEU A 149 -23.42 -26.52 -1.08
C LEU A 149 -23.60 -27.44 0.12
N THR A 150 -24.77 -27.44 0.75
CA THR A 150 -24.99 -28.28 1.91
C THR A 150 -25.05 -29.76 1.57
N ALA A 151 -25.32 -30.10 0.30
CA ALA A 151 -25.39 -31.48 -0.15
C ALA A 151 -24.09 -31.93 -0.82
N LEU A 152 -22.95 -31.50 -0.29
CA LEU A 152 -21.64 -31.81 -0.86
C LEU A 152 -20.86 -32.71 0.08
N THR A 153 -20.17 -33.68 -0.49
CA THR A 153 -19.27 -34.57 0.24
C THR A 153 -18.00 -34.73 -0.58
N ALA A 154 -17.17 -35.70 -0.20
CA ALA A 154 -16.04 -36.07 -1.04
C ALA A 154 -16.48 -36.85 -2.27
N SER A 155 -17.62 -37.53 -2.20
CA SER A 155 -18.18 -38.20 -3.37
C SER A 155 -18.93 -37.21 -4.26
N ASN A 156 -19.92 -36.52 -3.68
CA ASN A 156 -20.62 -35.46 -4.40
C ASN A 156 -19.70 -34.24 -4.50
N ASN A 157 -18.89 -34.19 -5.56
CA ASN A 157 -17.84 -33.19 -5.70
C ASN A 157 -18.02 -32.45 -7.03
N THR A 158 -19.13 -31.73 -7.15
CA THR A 158 -19.49 -31.04 -8.40
C THR A 158 -20.12 -29.69 -8.06
N VAL A 159 -19.37 -28.61 -8.29
CA VAL A 159 -19.87 -27.24 -8.12
C VAL A 159 -18.90 -26.22 -8.71
N THR A 160 -19.30 -25.58 -9.80
CA THR A 160 -18.50 -24.53 -10.45
C THR A 160 -19.18 -23.18 -10.24
N THR A 161 -18.61 -22.14 -10.86
CA THR A 161 -19.06 -20.79 -10.62
C THR A 161 -20.08 -20.32 -11.67
N SER A 162 -20.79 -19.25 -11.30
CA SER A 162 -21.59 -18.45 -12.24
C SER A 162 -21.13 -17.01 -12.08
N SER A 163 -19.94 -16.74 -12.61
CA SER A 163 -19.18 -15.55 -12.23
C SER A 163 -19.73 -14.28 -12.88
N LEU A 164 -19.61 -13.18 -12.15
CA LEU A 164 -19.89 -11.85 -12.66
C LEU A 164 -18.57 -11.12 -12.89
N SER A 165 -18.45 -10.47 -14.04
CA SER A 165 -17.21 -9.80 -14.43
C SER A 165 -17.47 -8.34 -14.77
N GLY A 166 -16.40 -7.56 -14.75
CA GLY A 166 -16.49 -6.15 -15.08
C GLY A 166 -15.65 -5.25 -14.20
N ASN A 167 -15.35 -5.71 -12.98
CA ASN A 167 -14.62 -4.89 -12.02
C ASN A 167 -13.21 -4.62 -12.52
N LYS A 168 -12.87 -3.35 -12.69
CA LYS A 168 -11.55 -2.94 -13.12
C LYS A 168 -10.55 -2.81 -11.98
N ASP A 169 -10.93 -3.25 -10.77
CA ASP A 169 -10.02 -3.23 -9.63
C ASP A 169 -10.56 -4.20 -8.59
N SER A 170 -9.85 -4.28 -7.46
CA SER A 170 -10.20 -5.24 -6.43
C SER A 170 -11.46 -4.83 -5.68
N ILE A 171 -12.20 -5.84 -5.21
CA ILE A 171 -13.47 -5.64 -4.51
C ILE A 171 -13.22 -5.66 -3.01
N TYR A 172 -14.02 -4.90 -2.26
CA TYR A 172 -13.92 -4.86 -0.81
C TYR A 172 -15.24 -5.02 -0.08
N SER A 173 -16.38 -5.03 -0.78
CA SER A 173 -17.67 -5.16 -0.15
C SER A 173 -18.66 -5.79 -1.12
N LEU A 174 -19.75 -6.29 -0.57
CA LEU A 174 -20.77 -6.96 -1.37
C LEU A 174 -22.06 -7.00 -0.57
N ALA A 175 -23.20 -6.91 -1.28
CA ALA A 175 -24.49 -6.89 -0.62
C ALA A 175 -25.58 -7.30 -1.60
N MET A 176 -26.62 -7.94 -1.06
CA MET A 176 -27.80 -8.30 -1.82
C MET A 176 -29.05 -7.93 -1.03
N ASN A 177 -30.13 -7.66 -1.75
CA ASN A 177 -31.40 -7.39 -1.10
C ASN A 177 -32.00 -8.67 -0.54
N GLN A 178 -33.04 -8.51 0.28
CA GLN A 178 -33.66 -9.66 0.92
C GLN A 178 -34.30 -10.60 -0.10
N LEU A 179 -34.99 -10.03 -1.09
CA LEU A 179 -35.62 -10.85 -2.12
C LEU A 179 -34.61 -11.52 -3.04
N GLY A 180 -33.40 -10.99 -3.13
CA GLY A 180 -32.38 -11.59 -3.98
C GLY A 180 -32.54 -11.27 -5.45
N THR A 181 -32.87 -10.02 -5.78
CA THR A 181 -33.06 -9.62 -7.17
C THR A 181 -32.01 -8.65 -7.68
N ILE A 182 -31.27 -7.99 -6.80
CA ILE A 182 -30.25 -7.01 -7.19
C ILE A 182 -29.01 -7.24 -6.32
N ILE A 183 -27.84 -7.21 -6.95
CA ILE A 183 -26.58 -7.31 -6.22
C ILE A 183 -25.71 -6.13 -6.60
N VAL A 184 -24.89 -5.67 -5.64
CA VAL A 184 -24.02 -4.52 -5.85
C VAL A 184 -22.64 -4.85 -5.28
N SER A 185 -21.60 -4.36 -5.96
CA SER A 185 -20.22 -4.57 -5.55
C SER A 185 -19.53 -3.22 -5.41
N GLY A 186 -18.79 -3.06 -4.30
CA GLY A 186 -17.97 -1.89 -4.07
C GLY A 186 -16.50 -2.25 -4.15
N SER A 187 -15.75 -1.41 -4.86
CA SER A 187 -14.36 -1.70 -5.18
C SER A 187 -13.49 -0.51 -4.83
N THR A 188 -12.18 -0.71 -4.92
CA THR A 188 -11.24 0.41 -4.94
C THR A 188 -11.31 1.20 -6.23
N GLU A 189 -12.13 0.74 -7.18
CA GLU A 189 -12.41 1.46 -8.42
C GLU A 189 -13.22 2.73 -8.18
N LYS A 190 -13.67 2.98 -6.95
CA LYS A 190 -14.45 4.15 -6.58
C LYS A 190 -15.80 4.20 -7.29
N VAL A 191 -16.27 3.05 -7.79
CA VAL A 191 -17.51 2.95 -8.54
C VAL A 191 -18.28 1.72 -8.06
N LEU A 192 -19.57 1.89 -7.81
CA LEU A 192 -20.43 0.77 -7.45
C LEU A 192 -20.93 0.09 -8.71
N ARG A 193 -20.72 -1.22 -8.81
CA ARG A 193 -21.12 -1.97 -9.98
C ARG A 193 -22.30 -2.88 -9.62
N VAL A 194 -23.41 -2.72 -10.33
CA VAL A 194 -24.65 -3.42 -10.01
C VAL A 194 -24.88 -4.52 -11.04
N TRP A 195 -25.29 -5.69 -10.56
CA TRP A 195 -25.61 -6.83 -11.39
C TRP A 195 -26.96 -7.42 -10.97
N ASP A 196 -27.55 -8.18 -11.90
CA ASP A 196 -28.74 -8.97 -11.61
C ASP A 196 -28.31 -10.38 -11.26
N PRO A 197 -28.49 -10.84 -10.02
CA PRO A 197 -28.02 -12.18 -9.66
C PRO A 197 -28.77 -13.30 -10.38
N ARG A 198 -29.95 -13.03 -10.93
CA ARG A 198 -30.70 -14.06 -11.62
C ARG A 198 -30.19 -14.28 -13.04
N THR A 199 -29.99 -13.18 -13.78
CA THR A 199 -29.60 -13.25 -15.18
C THR A 199 -28.10 -13.05 -15.40
N CYS A 200 -27.37 -12.55 -14.39
CA CYS A 200 -25.94 -12.32 -14.49
C CYS A 200 -25.62 -11.34 -15.63
N ALA A 201 -26.13 -10.12 -15.49
CA ALA A 201 -25.94 -9.07 -16.48
C ALA A 201 -25.61 -7.76 -15.78
N LYS A 202 -24.70 -6.99 -16.38
CA LYS A 202 -24.32 -5.70 -15.82
C LYS A 202 -25.48 -4.73 -15.91
N LEU A 203 -25.82 -4.10 -14.79
CA LEU A 203 -26.97 -3.20 -14.72
C LEU A 203 -26.56 -1.73 -14.79
N MET A 204 -25.67 -1.29 -13.88
CA MET A 204 -25.29 0.11 -13.85
C MET A 204 -23.95 0.28 -13.16
N LYS A 205 -23.28 1.38 -13.47
CA LYS A 205 -21.99 1.77 -12.90
C LYS A 205 -22.20 3.10 -12.17
N LEU A 206 -22.61 3.03 -10.91
CA LEU A 206 -22.80 4.23 -10.10
C LEU A 206 -21.46 4.88 -9.82
N LYS A 207 -21.31 6.14 -10.25
CA LYS A 207 -20.04 6.86 -10.27
C LYS A 207 -20.16 8.07 -9.34
N GLY A 208 -20.06 7.82 -8.04
CA GLY A 208 -20.25 8.89 -7.07
C GLY A 208 -19.10 9.07 -6.09
N HIS A 209 -18.59 7.97 -5.55
CA HIS A 209 -17.58 8.05 -4.51
C HIS A 209 -16.23 8.51 -5.09
N THR A 210 -15.31 8.82 -4.18
CA THR A 210 -13.97 9.25 -4.54
C THR A 210 -12.89 8.40 -3.87
N ASP A 211 -13.25 7.29 -3.24
CA ASP A 211 -12.29 6.43 -2.57
C ASP A 211 -12.88 5.03 -2.49
N ASN A 212 -12.16 4.14 -1.80
CA ASN A 212 -12.58 2.75 -1.70
C ASN A 212 -13.82 2.62 -0.81
N VAL A 213 -14.73 1.75 -1.21
CA VAL A 213 -15.97 1.48 -0.48
C VAL A 213 -15.81 0.17 0.27
N LYS A 214 -16.16 0.16 1.56
CA LYS A 214 -15.97 -1.02 2.40
C LYS A 214 -17.25 -1.53 3.04
N ALA A 215 -18.41 -0.95 2.74
CA ALA A 215 -19.65 -1.41 3.32
C ALA A 215 -20.81 -1.02 2.41
N LEU A 216 -21.72 -1.96 2.18
CA LEU A 216 -22.88 -1.74 1.34
C LEU A 216 -24.12 -2.31 2.02
N LEU A 217 -25.28 -1.81 1.61
CA LEU A 217 -26.55 -2.26 2.16
C LEU A 217 -27.65 -2.04 1.15
N LEU A 218 -28.73 -2.80 1.29
CA LEU A 218 -29.90 -2.72 0.42
C LEU A 218 -31.16 -2.92 1.26
N ASN A 219 -32.27 -2.41 0.75
CA ASN A 219 -33.55 -2.57 1.42
C ASN A 219 -34.14 -3.94 1.10
N ARG A 220 -35.38 -4.17 1.51
CA ARG A 220 -35.98 -5.50 1.35
C ARG A 220 -36.28 -5.81 -0.10
N ASP A 221 -36.93 -4.90 -0.81
CA ASP A 221 -37.35 -5.12 -2.18
C ASP A 221 -36.33 -4.63 -3.21
N GLY A 222 -35.16 -4.19 -2.78
CA GLY A 222 -34.11 -3.79 -3.69
C GLY A 222 -34.45 -2.57 -4.52
N THR A 223 -34.80 -1.47 -3.86
CA THR A 223 -35.11 -0.22 -4.53
C THR A 223 -34.14 0.91 -4.20
N GLN A 224 -33.53 0.90 -3.02
CA GLN A 224 -32.56 1.91 -2.64
C GLN A 224 -31.30 1.22 -2.12
N CYS A 225 -30.17 1.93 -2.22
CA CYS A 225 -28.88 1.36 -1.82
C CYS A 225 -28.14 2.34 -0.93
N LEU A 226 -27.40 1.79 0.04
CA LEU A 226 -26.54 2.54 0.93
C LEU A 226 -25.09 2.16 0.68
N SER A 227 -24.19 3.14 0.76
CA SER A 227 -22.78 2.91 0.46
C SER A 227 -21.92 3.64 1.48
N GLY A 228 -20.87 2.97 1.94
CA GLY A 228 -19.93 3.55 2.88
C GLY A 228 -18.50 3.43 2.40
N SER A 229 -17.90 4.55 2.00
CA SER A 229 -16.56 4.55 1.45
C SER A 229 -15.55 5.09 2.47
N SER A 230 -14.28 4.99 2.10
CA SER A 230 -13.16 5.44 2.93
C SER A 230 -12.91 6.94 2.81
N ASP A 231 -13.85 7.70 2.25
CA ASP A 231 -13.74 9.14 2.13
C ASP A 231 -14.54 9.87 3.20
N GLY A 232 -15.17 9.15 4.13
CA GLY A 232 -16.02 9.76 5.12
C GLY A 232 -17.42 10.07 4.64
N THR A 233 -17.79 9.63 3.45
CA THR A 233 -19.09 9.95 2.85
C THR A 233 -19.96 8.71 2.84
N ILE A 234 -21.12 8.79 3.49
CA ILE A 234 -22.17 7.79 3.31
C ILE A 234 -23.05 8.26 2.17
N ARG A 235 -23.53 7.34 1.35
CA ARG A 235 -24.30 7.74 0.18
C ARG A 235 -25.55 6.88 0.04
N LEU A 236 -26.66 7.54 -0.24
CA LEU A 236 -27.95 6.90 -0.50
C LEU A 236 -28.28 7.08 -1.97
N TRP A 237 -28.50 5.97 -2.66
CA TRP A 237 -28.69 5.92 -4.11
C TRP A 237 -30.05 5.35 -4.44
N SER A 238 -30.70 5.93 -5.45
CA SER A 238 -31.94 5.37 -6.00
C SER A 238 -31.59 4.48 -7.19
N LEU A 239 -32.05 3.23 -7.14
CA LEU A 239 -31.64 2.26 -8.16
C LEU A 239 -32.25 2.57 -9.52
N GLY A 240 -33.56 2.83 -9.56
CA GLY A 240 -34.22 3.08 -10.82
C GLY A 240 -33.76 4.36 -11.51
N GLN A 241 -33.28 5.32 -10.74
CA GLN A 241 -32.85 6.61 -11.28
C GLN A 241 -31.35 6.63 -11.62
N GLN A 242 -30.59 5.63 -11.17
CA GLN A 242 -29.15 5.54 -11.46
C GLN A 242 -28.41 6.81 -11.01
N ARG A 243 -28.69 7.25 -9.78
CA ARG A 243 -28.05 8.45 -9.27
C ARG A 243 -28.01 8.40 -7.76
N CYS A 244 -27.02 9.07 -7.18
CA CYS A 244 -26.91 9.22 -5.74
C CYS A 244 -27.82 10.36 -5.28
N ILE A 245 -28.80 10.03 -4.44
CA ILE A 245 -29.73 11.06 -3.97
C ILE A 245 -29.22 11.80 -2.74
N ALA A 246 -28.38 11.18 -1.92
CA ALA A 246 -27.91 11.88 -0.73
C ALA A 246 -26.49 11.48 -0.37
N THR A 247 -25.74 12.44 0.16
CA THR A 247 -24.36 12.22 0.61
C THR A 247 -24.20 12.85 2.00
N TYR A 248 -24.08 12.00 3.02
CA TYR A 248 -23.95 12.42 4.40
C TYR A 248 -22.49 12.40 4.82
N ARG A 249 -22.10 13.41 5.61
CA ARG A 249 -20.73 13.59 6.09
C ARG A 249 -20.78 13.62 7.62
N VAL A 250 -20.76 12.44 8.23
CA VAL A 250 -20.86 12.33 9.68
C VAL A 250 -19.58 11.83 10.33
N HIS A 251 -18.58 11.42 9.55
CA HIS A 251 -17.34 10.88 10.09
C HIS A 251 -16.15 11.76 9.69
N ASP A 252 -15.14 11.77 10.56
CA ASP A 252 -13.90 12.49 10.24
C ASP A 252 -13.03 11.70 9.27
N GLU A 253 -12.89 10.39 9.49
CA GLU A 253 -12.07 9.55 8.64
C GLU A 253 -12.98 8.61 7.83
N GLY A 254 -12.43 7.45 7.44
CA GLY A 254 -13.15 6.58 6.54
C GLY A 254 -14.30 5.86 7.20
N VAL A 255 -15.34 5.60 6.42
CA VAL A 255 -16.50 4.85 6.87
C VAL A 255 -16.30 3.39 6.46
N TRP A 256 -16.32 2.49 7.45
CA TRP A 256 -15.99 1.09 7.21
C TRP A 256 -17.13 0.13 7.50
N ALA A 257 -18.11 0.51 8.32
CA ALA A 257 -19.21 -0.39 8.67
C ALA A 257 -20.54 0.36 8.57
N LEU A 258 -21.57 -0.36 8.14
CA LEU A 258 -22.89 0.22 7.95
C LEU A 258 -23.96 -0.75 8.43
N GLN A 259 -24.99 -0.19 9.09
CA GLN A 259 -26.17 -0.94 9.49
C GLN A 259 -27.39 -0.04 9.28
N VAL A 260 -28.55 -0.68 9.09
CA VAL A 260 -29.79 0.05 8.84
C VAL A 260 -30.92 -0.68 9.57
N ASN A 261 -31.92 0.09 9.98
CA ASN A 261 -33.07 -0.48 10.66
C ASN A 261 -33.97 -1.19 9.66
N ASP A 262 -35.03 -1.83 10.18
CA ASP A 262 -35.90 -2.64 9.34
C ASP A 262 -36.64 -1.77 8.32
N ALA A 263 -37.09 -0.60 8.73
CA ALA A 263 -37.84 0.29 7.85
C ALA A 263 -36.96 1.05 6.87
N PHE A 264 -35.64 0.77 6.86
CA PHE A 264 -34.70 1.47 5.99
C PHE A 264 -34.76 2.99 6.21
N THR A 265 -34.62 3.38 7.48
CA THR A 265 -34.77 4.77 7.87
C THR A 265 -33.49 5.34 8.46
N HIS A 266 -32.94 4.73 9.51
CA HIS A 266 -31.73 5.21 10.14
C HIS A 266 -30.55 4.33 9.76
N VAL A 267 -29.40 4.96 9.51
CA VAL A 267 -28.18 4.25 9.15
C VAL A 267 -27.24 4.30 10.35
N TYR A 268 -26.66 3.15 10.68
CA TYR A 268 -25.71 3.00 11.77
C TYR A 268 -24.32 2.84 11.17
N SER A 269 -23.43 3.80 11.44
CA SER A 269 -22.16 3.87 10.75
C SER A 269 -21.01 4.05 11.73
N GLY A 270 -19.86 3.51 11.35
CA GLY A 270 -18.62 3.65 12.07
C GLY A 270 -17.46 3.47 11.12
N GLY A 271 -16.25 3.55 11.68
CA GLY A 271 -15.07 3.38 10.85
C GLY A 271 -13.75 3.66 11.55
N ARG A 272 -12.84 4.33 10.83
CA ARG A 272 -11.53 4.65 11.41
C ARG A 272 -11.69 5.52 12.66
N ASP A 273 -12.47 6.59 12.55
CA ASP A 273 -12.88 7.32 13.74
C ASP A 273 -13.85 6.46 14.54
N ARG A 274 -13.48 6.14 15.78
CA ARG A 274 -14.22 5.14 16.55
C ARG A 274 -15.64 5.57 16.88
N LYS A 275 -16.04 6.78 16.52
CA LYS A 275 -17.39 7.25 16.79
C LYS A 275 -18.40 6.53 15.90
N ILE A 276 -19.51 6.12 16.50
CA ILE A 276 -20.57 5.41 15.80
C ILE A 276 -21.83 6.27 15.86
N TYR A 277 -22.50 6.40 14.71
CA TYR A 277 -23.63 7.30 14.59
C TYR A 277 -24.85 6.57 14.05
N CYS A 278 -26.01 6.91 14.60
CA CYS A 278 -27.31 6.49 14.09
C CYS A 278 -27.98 7.72 13.48
N THR A 279 -27.80 7.90 12.17
CA THR A 279 -28.21 9.10 11.48
C THR A 279 -29.47 8.82 10.67
N ASP A 280 -30.44 9.73 10.75
CA ASP A 280 -31.67 9.61 9.98
C ASP A 280 -31.40 9.99 8.53
N LEU A 281 -31.74 9.08 7.61
CA LEU A 281 -31.51 9.35 6.19
C LEU A 281 -32.37 10.48 5.68
N ARG A 282 -33.59 10.62 6.20
CA ARG A 282 -34.49 11.68 5.75
C ARG A 282 -34.08 13.05 6.25
N ASN A 283 -33.25 13.11 7.31
CA ASN A 283 -32.74 14.37 7.83
C ASN A 283 -31.41 14.11 8.53
N PRO A 284 -30.29 14.51 7.93
CA PRO A 284 -28.99 14.21 8.55
C PRO A 284 -28.75 14.96 9.85
N ASP A 285 -29.52 16.02 10.13
CA ASP A 285 -29.37 16.73 11.39
C ASP A 285 -29.80 15.89 12.59
N ILE A 286 -30.53 14.80 12.35
CA ILE A 286 -30.99 13.93 13.42
C ILE A 286 -30.04 12.74 13.55
N ARG A 287 -28.84 12.99 14.07
CA ARG A 287 -27.85 11.95 14.31
C ARG A 287 -27.42 11.97 15.76
N VAL A 288 -27.16 10.79 16.31
CA VAL A 288 -26.78 10.63 17.71
C VAL A 288 -25.48 9.85 17.77
N LEU A 289 -24.51 10.35 18.53
CA LEU A 289 -23.27 9.64 18.79
C LEU A 289 -23.57 8.48 19.73
N ILE A 290 -23.61 7.27 19.20
CA ILE A 290 -23.91 6.10 20.03
C ILE A 290 -22.78 5.85 21.03
N CYS A 291 -21.55 5.73 20.53
CA CYS A 291 -20.40 5.49 21.38
C CYS A 291 -19.13 5.65 20.54
N GLU A 292 -18.03 5.93 21.23
CA GLU A 292 -16.71 5.95 20.62
C GLU A 292 -15.91 4.78 21.18
N GLU A 293 -15.66 3.79 20.33
CA GLU A 293 -14.94 2.60 20.75
C GLU A 293 -13.48 2.94 21.06
N LYS A 294 -12.73 1.94 21.54
CA LYS A 294 -11.31 2.14 21.81
C LYS A 294 -10.47 1.96 20.55
N ALA A 295 -10.90 1.10 19.64
CA ALA A 295 -10.21 0.80 18.40
C ALA A 295 -11.09 1.16 17.21
N PRO A 296 -10.50 1.39 16.04
CA PRO A 296 -11.30 1.67 14.85
C PRO A 296 -12.29 0.54 14.55
N VAL A 297 -13.51 0.93 14.20
CA VAL A 297 -14.58 -0.05 14.01
C VAL A 297 -14.36 -0.80 12.69
N LEU A 298 -14.43 -2.11 12.76
CA LEU A 298 -14.34 -2.97 11.58
C LEU A 298 -15.71 -3.37 11.05
N LYS A 299 -16.56 -3.94 11.91
CA LYS A 299 -17.91 -4.28 11.47
C LYS A 299 -18.88 -4.19 12.65
N MET A 300 -20.16 -4.17 12.31
CA MET A 300 -21.23 -4.06 13.29
C MET A 300 -22.37 -4.99 12.89
N GLU A 301 -23.22 -5.30 13.87
CA GLU A 301 -24.37 -6.18 13.65
C GLU A 301 -25.48 -5.77 14.60
N LEU A 302 -26.64 -5.44 14.04
CA LEU A 302 -27.75 -4.94 14.84
C LEU A 302 -28.57 -6.10 15.41
N ASP A 303 -29.07 -5.88 16.63
CA ASP A 303 -30.05 -6.79 17.23
C ASP A 303 -31.43 -6.44 16.72
N ARG A 304 -32.12 -7.42 16.14
CA ARG A 304 -33.41 -7.18 15.52
C ARG A 304 -34.54 -7.78 16.33
N SER A 305 -34.53 -7.55 17.65
CA SER A 305 -35.59 -8.01 18.53
C SER A 305 -36.75 -7.02 18.62
N ALA A 306 -36.64 -5.88 17.95
CA ALA A 306 -37.69 -4.86 17.93
C ALA A 306 -37.40 -3.90 16.79
N ASP A 307 -38.47 -3.28 16.27
CA ASP A 307 -38.28 -2.27 15.23
C ASP A 307 -37.40 -1.12 15.72
N PRO A 308 -37.48 -0.66 16.96
CA PRO A 308 -36.36 0.10 17.53
C PRO A 308 -35.30 -0.86 18.06
N PRO A 309 -34.16 -0.97 17.38
CA PRO A 309 -33.16 -1.97 17.75
C PRO A 309 -32.66 -1.77 19.16
N PRO A 310 -32.67 -2.84 19.98
CA PRO A 310 -32.26 -2.67 21.39
C PRO A 310 -30.76 -2.44 21.57
N ALA A 311 -29.93 -3.18 20.85
CA ALA A 311 -28.49 -3.07 21.01
C ALA A 311 -27.80 -3.37 19.68
N ILE A 312 -26.50 -3.13 19.66
CA ILE A 312 -25.69 -3.40 18.48
C ILE A 312 -24.34 -3.95 18.92
N TRP A 313 -23.87 -4.98 18.21
CA TRP A 313 -22.57 -5.57 18.45
C TRP A 313 -21.54 -4.93 17.53
N VAL A 314 -20.37 -4.62 18.09
CA VAL A 314 -19.29 -3.96 17.39
C VAL A 314 -18.04 -4.83 17.50
N ALA A 315 -17.42 -5.11 16.35
CA ALA A 315 -16.15 -5.81 16.28
C ALA A 315 -15.13 -4.87 15.66
N THR A 316 -14.04 -4.60 16.39
CA THR A 316 -13.00 -3.68 16.00
C THR A 316 -11.70 -4.45 15.75
N THR A 317 -10.59 -3.70 15.63
CA THR A 317 -9.28 -4.33 15.46
C THR A 317 -8.83 -5.05 16.73
N LYS A 318 -9.31 -4.62 17.89
CA LYS A 318 -8.99 -5.32 19.12
C LYS A 318 -9.67 -6.69 19.15
N SER A 319 -9.16 -7.56 20.03
CA SER A 319 -9.65 -8.93 20.12
C SER A 319 -11.02 -9.02 20.80
N THR A 320 -11.37 -8.05 21.63
CA THR A 320 -12.66 -8.09 22.32
C THR A 320 -13.77 -7.54 21.43
N VAL A 321 -14.98 -8.07 21.62
CA VAL A 321 -16.15 -7.65 20.87
C VAL A 321 -17.16 -7.07 21.85
N ASN A 322 -17.76 -5.94 21.51
CA ASN A 322 -18.62 -5.25 22.47
C ASN A 322 -20.08 -5.27 22.02
N LYS A 323 -20.97 -5.13 23.00
CA LYS A 323 -22.41 -5.00 22.75
C LYS A 323 -22.89 -3.76 23.47
N TRP A 324 -23.27 -2.75 22.69
CA TRP A 324 -23.72 -1.46 23.19
C TRP A 324 -25.23 -1.37 23.09
N THR A 325 -25.87 -1.05 24.20
CA THR A 325 -27.33 -0.91 24.22
C THR A 325 -27.76 0.41 23.59
N LEU A 326 -29.02 0.46 23.16
CA LEU A 326 -29.59 1.63 22.50
C LEU A 326 -30.83 2.06 23.28
N LYS A 327 -30.62 2.78 24.38
CA LYS A 327 -31.70 3.22 25.26
C LYS A 327 -31.59 4.71 25.47
N GLY A 328 -32.33 5.48 24.68
CA GLY A 328 -32.45 6.91 24.86
C GLY A 328 -33.66 7.34 25.67
N ILE A 329 -34.42 6.38 26.19
CA ILE A 329 -35.61 6.67 26.98
C ILE A 329 -35.70 5.73 28.16
N THR A 343 -28.02 12.09 25.51
CA THR A 343 -28.81 13.14 26.14
C THR A 343 -29.14 14.27 25.16
N ASN A 344 -28.22 15.23 25.02
CA ASN A 344 -28.49 16.36 24.14
C ASN A 344 -27.31 16.68 23.22
N PRO A 345 -26.13 17.09 23.75
CA PRO A 345 -25.11 17.65 22.87
C PRO A 345 -24.25 16.60 22.18
N ILE A 346 -22.98 16.54 22.58
CA ILE A 346 -22.02 15.63 21.99
C ILE A 346 -21.83 14.37 22.87
N THR A 347 -22.75 14.14 23.79
CA THR A 347 -22.60 13.04 24.73
C THR A 347 -22.71 11.70 24.02
N PRO A 348 -21.74 10.80 24.18
CA PRO A 348 -21.92 9.43 23.69
C PRO A 348 -23.07 8.75 24.42
N LEU A 349 -23.92 8.06 23.66
CA LEU A 349 -25.10 7.44 24.25
C LEU A 349 -24.72 6.39 25.29
N CYS A 350 -23.54 5.78 25.15
CA CYS A 350 -23.06 4.78 26.08
C CYS A 350 -21.66 5.16 26.57
N THR A 351 -21.50 5.24 27.88
CA THR A 351 -20.17 5.44 28.46
C THR A 351 -19.37 4.14 28.53
N GLN A 352 -20.04 3.00 28.50
CA GLN A 352 -19.39 1.70 28.52
C GLN A 352 -20.37 0.67 27.99
N PRO A 353 -19.89 -0.37 27.31
CA PRO A 353 -20.80 -1.31 26.66
C PRO A 353 -21.58 -2.14 27.67
N ASP A 354 -22.74 -2.62 27.22
CA ASP A 354 -23.55 -3.48 28.08
C ASP A 354 -22.89 -4.86 28.23
N GLN A 355 -22.47 -5.47 27.12
CA GLN A 355 -21.84 -6.77 27.19
C GLN A 355 -20.46 -6.76 26.51
N VAL A 356 -19.57 -7.61 26.99
CA VAL A 356 -18.19 -7.67 26.50
C VAL A 356 -17.79 -9.13 26.35
N ILE A 357 -17.43 -9.53 25.13
CA ILE A 357 -16.83 -10.83 24.87
C ILE A 357 -15.33 -10.60 24.74
N LYS A 358 -14.58 -10.97 25.77
CA LYS A 358 -13.15 -10.70 25.80
C LYS A 358 -12.40 -11.67 24.90
N GLY A 359 -11.51 -11.11 24.07
CA GLY A 359 -10.64 -11.90 23.23
C GLY A 359 -9.25 -12.04 23.83
N GLY A 360 -8.41 -12.80 23.14
CA GLY A 360 -7.06 -13.06 23.59
C GLY A 360 -6.13 -11.89 23.30
N ALA A 361 -4.85 -12.22 23.20
CA ALA A 361 -3.81 -11.22 22.93
C ALA A 361 -2.99 -11.71 21.74
N SER A 362 -2.79 -10.83 20.77
CA SER A 362 -2.06 -11.18 19.55
C SER A 362 -0.55 -11.12 19.81
N ILE A 363 0.16 -12.16 19.39
CA ILE A 363 1.61 -12.17 19.45
C ILE A 363 2.14 -11.17 18.44
N ILE A 364 2.60 -10.01 18.91
CA ILE A 364 2.94 -8.92 17.99
C ILE A 364 4.40 -8.97 17.56
N GLN A 365 5.31 -9.47 18.39
CA GLN A 365 6.73 -9.45 18.06
C GLN A 365 7.35 -10.80 18.38
N CYS A 366 8.41 -11.13 17.65
CA CYS A 366 9.09 -12.41 17.82
C CYS A 366 10.56 -12.25 17.48
N HIS A 367 11.39 -13.09 18.09
CA HIS A 367 12.82 -13.11 17.80
C HIS A 367 13.34 -14.54 17.92
N ILE A 368 14.15 -14.95 16.95
CA ILE A 368 14.75 -16.28 16.93
C ILE A 368 16.15 -16.16 17.52
N LEU A 369 16.47 -17.06 18.45
CA LEU A 369 17.76 -17.02 19.12
C LEU A 369 18.88 -17.44 18.17
N ASN A 370 20.12 -17.32 18.66
CA ASN A 370 21.28 -17.61 17.83
C ASN A 370 21.43 -19.09 17.51
N ASP A 371 20.80 -19.97 18.30
CA ASP A 371 20.86 -21.39 18.04
C ASP A 371 19.78 -21.87 17.08
N LYS A 372 18.89 -20.96 16.64
CA LYS A 372 17.80 -21.29 15.72
C LYS A 372 16.97 -22.48 16.22
N ARG A 373 16.93 -22.66 17.54
CA ARG A 373 16.16 -23.72 18.17
C ARG A 373 14.99 -23.20 18.98
N HIS A 374 15.12 -22.05 19.61
CA HIS A 374 14.09 -21.49 20.47
C HIS A 374 13.69 -20.11 19.99
N ILE A 375 12.55 -19.64 20.49
CA ILE A 375 11.92 -18.41 20.03
C ILE A 375 11.46 -17.62 21.24
N LEU A 376 11.61 -16.29 21.19
CA LEU A 376 11.15 -15.40 22.24
C LEU A 376 10.09 -14.48 21.65
N THR A 377 8.87 -14.58 22.17
CA THR A 377 7.73 -13.85 21.64
C THR A 377 7.22 -12.83 22.64
N LYS A 378 6.54 -11.80 22.11
CA LYS A 378 5.96 -10.73 22.91
C LYS A 378 4.59 -10.39 22.33
N ASP A 379 3.57 -10.42 23.17
CA ASP A 379 2.20 -10.22 22.76
C ASP A 379 1.79 -8.76 22.97
N THR A 380 0.48 -8.49 23.02
CA THR A 380 0.00 -7.12 23.18
C THR A 380 0.22 -6.62 24.61
N ASN A 381 0.09 -7.50 25.60
CA ASN A 381 0.26 -7.13 27.00
C ASN A 381 1.72 -7.12 27.44
N ASN A 382 2.65 -7.14 26.49
CA ASN A 382 4.09 -7.13 26.75
C ASN A 382 4.55 -8.35 27.53
N ASN A 383 3.74 -9.40 27.59
CA ASN A 383 4.13 -10.64 28.25
C ASN A 383 5.01 -11.46 27.32
N VAL A 384 6.24 -11.71 27.74
CA VAL A 384 7.21 -12.44 26.94
C VAL A 384 7.07 -13.94 27.20
N ALA A 385 7.22 -14.73 26.14
CA ALA A 385 7.11 -16.18 26.22
C ALA A 385 8.28 -16.82 25.50
N TYR A 386 8.66 -18.00 25.97
CA TYR A 386 9.80 -18.76 25.46
C TYR A 386 9.29 -20.06 24.86
N TRP A 387 9.68 -20.34 23.62
CA TRP A 387 9.15 -21.46 22.85
C TRP A 387 10.30 -22.27 22.26
N ASP A 388 9.99 -23.51 21.91
CA ASP A 388 10.91 -24.40 21.18
C ASP A 388 10.25 -24.70 19.85
N VAL A 389 10.72 -24.05 18.79
CA VAL A 389 10.13 -24.24 17.46
C VAL A 389 10.30 -25.67 16.98
N LEU A 390 11.38 -26.33 17.40
CA LEU A 390 11.60 -27.72 17.01
C LEU A 390 10.54 -28.62 17.65
N LYS A 391 10.42 -28.59 18.97
CA LYS A 391 9.42 -29.40 19.65
C LYS A 391 8.01 -28.88 19.42
N ALA A 392 7.86 -27.65 18.92
CA ALA A 392 6.57 -27.03 18.65
C ALA A 392 5.72 -26.96 19.92
N CYS A 393 6.24 -26.24 20.91
CA CYS A 393 5.55 -26.11 22.19
C CYS A 393 6.15 -24.92 22.95
N LYS A 394 5.37 -24.39 23.86
CA LYS A 394 5.84 -23.32 24.74
C LYS A 394 6.66 -23.91 25.88
N VAL A 395 7.69 -23.18 26.29
CA VAL A 395 8.54 -23.58 27.40
C VAL A 395 8.09 -22.95 28.70
N GLU A 396 7.87 -21.64 28.71
CA GLU A 396 7.48 -20.93 29.93
C GLU A 396 6.98 -19.54 29.55
N ASP A 397 6.22 -18.95 30.46
CA ASP A 397 5.77 -17.56 30.34
C ASP A 397 6.62 -16.69 31.25
N LEU A 398 7.11 -15.57 30.72
CA LEU A 398 8.09 -14.75 31.42
C LEU A 398 7.50 -13.50 32.05
N GLY A 399 6.27 -13.14 31.70
CA GLY A 399 5.66 -11.96 32.29
C GLY A 399 6.06 -10.69 31.57
N LYS A 400 5.89 -9.57 32.27
CA LYS A 400 6.18 -8.24 31.72
C LYS A 400 7.66 -7.88 31.91
N VAL A 401 8.52 -8.68 31.29
CA VAL A 401 9.95 -8.42 31.32
C VAL A 401 10.34 -7.65 30.07
N ASP A 402 11.53 -7.05 30.10
CA ASP A 402 12.02 -6.30 28.96
C ASP A 402 12.37 -7.26 27.83
N PHE A 403 11.90 -6.96 26.62
CA PHE A 403 12.05 -7.88 25.51
C PHE A 403 13.50 -7.93 25.02
N GLU A 404 14.11 -6.77 24.77
CA GLU A 404 15.48 -6.75 24.29
C GLU A 404 16.45 -7.21 25.36
N ASP A 405 16.20 -6.84 26.62
CA ASP A 405 17.05 -7.30 27.70
C ASP A 405 16.99 -8.80 27.86
N GLU A 406 15.81 -9.40 27.66
CA GLU A 406 15.69 -10.85 27.75
C GLU A 406 16.30 -11.54 26.53
N ILE A 407 16.20 -10.91 25.36
CA ILE A 407 16.87 -11.44 24.17
C ILE A 407 18.37 -11.51 24.39
N LYS A 408 18.96 -10.41 24.88
CA LYS A 408 20.38 -10.41 25.18
C LYS A 408 20.71 -11.22 26.42
N LYS A 409 19.71 -11.57 27.23
CA LYS A 409 19.94 -12.37 28.43
C LYS A 409 20.09 -13.84 28.11
N ARG A 410 19.43 -14.32 27.05
CA ARG A 410 19.59 -15.70 26.58
C ARG A 410 20.46 -15.65 25.33
N PHE A 411 21.77 -15.68 25.53
CA PHE A 411 22.76 -15.52 24.45
C PHE A 411 23.61 -16.78 24.38
N LYS A 412 23.33 -17.62 23.40
CA LYS A 412 24.11 -18.83 23.14
C LYS A 412 24.98 -18.60 21.91
N MET A 413 26.26 -18.95 22.03
CA MET A 413 27.24 -18.56 21.01
C MET A 413 27.19 -19.45 19.78
N VAL A 414 26.72 -20.69 19.92
CA VAL A 414 26.76 -21.62 18.79
C VAL A 414 25.92 -21.09 17.63
N TYR A 415 26.46 -21.19 16.42
CA TYR A 415 25.79 -20.71 15.22
C TYR A 415 25.02 -21.84 14.55
N VAL A 416 23.80 -21.54 14.12
CA VAL A 416 22.97 -22.47 13.37
C VAL A 416 22.37 -21.70 12.20
N PRO A 417 22.29 -22.28 11.00
CA PRO A 417 21.70 -21.57 9.87
C PRO A 417 20.19 -21.43 10.02
N ASN A 418 19.65 -20.45 9.30
CA ASN A 418 18.20 -20.26 9.25
C ASN A 418 17.57 -21.36 8.39
N TRP A 419 16.60 -22.06 8.96
CA TRP A 419 15.95 -23.18 8.27
C TRP A 419 14.44 -23.07 8.23
N PHE A 420 13.87 -21.94 8.63
CA PHE A 420 12.43 -21.77 8.66
C PHE A 420 12.12 -20.28 8.69
N SER A 421 10.84 -19.96 8.86
CA SER A 421 10.40 -18.58 9.02
C SER A 421 9.22 -18.54 9.98
N VAL A 422 9.07 -17.41 10.66
CA VAL A 422 7.98 -17.20 11.60
C VAL A 422 6.93 -16.31 10.96
N ASP A 423 5.66 -16.57 11.25
CA ASP A 423 4.56 -15.82 10.66
C ASP A 423 3.54 -15.50 11.75
N LEU A 424 3.01 -14.28 11.69
CA LEU A 424 2.01 -13.78 12.62
C LEU A 424 0.81 -13.20 11.87
N LYS A 425 0.51 -13.75 10.69
CA LYS A 425 -0.65 -13.27 9.93
C LYS A 425 -1.96 -13.57 10.64
N THR A 426 -1.95 -14.52 11.58
CA THR A 426 -3.13 -14.85 12.37
C THR A 426 -3.10 -14.25 13.77
N GLY A 427 -1.93 -13.83 14.24
CA GLY A 427 -1.75 -13.42 15.62
C GLY A 427 -1.09 -14.47 16.49
N MET A 428 -1.07 -15.72 16.03
CA MET A 428 -0.40 -16.81 16.70
C MET A 428 0.83 -17.23 15.90
N LEU A 429 1.66 -18.06 16.52
CA LEU A 429 2.89 -18.50 15.89
C LEU A 429 2.57 -19.48 14.76
N THR A 430 2.98 -19.14 13.54
CA THR A 430 2.85 -20.03 12.39
C THR A 430 4.25 -20.23 11.80
N ILE A 431 4.82 -21.41 11.99
CA ILE A 431 6.16 -21.69 11.51
C ILE A 431 6.06 -22.26 10.10
N THR A 432 6.76 -21.65 9.16
CA THR A 432 6.73 -22.02 7.75
C THR A 432 8.09 -22.55 7.34
N LEU A 433 8.07 -23.59 6.50
CA LEU A 433 9.27 -24.23 5.98
C LEU A 433 9.20 -24.24 4.46
N ASP A 434 10.20 -23.66 3.81
CA ASP A 434 10.29 -23.57 2.37
C ASP A 434 11.37 -24.53 1.87
N GLU A 435 11.14 -25.07 0.67
CA GLU A 435 12.02 -26.11 0.12
C GLU A 435 13.48 -25.65 0.04
N SER A 436 13.70 -24.36 -0.23
CA SER A 436 15.06 -23.89 -0.49
C SER A 436 15.97 -24.04 0.73
N ASP A 437 15.46 -23.74 1.92
CA ASP A 437 16.28 -23.71 3.11
C ASP A 437 15.70 -24.54 4.26
N CYS A 438 14.74 -25.44 3.98
CA CYS A 438 14.16 -26.23 5.06
C CYS A 438 15.19 -27.18 5.67
N PHE A 439 16.00 -27.83 4.83
CA PHE A 439 16.98 -28.81 5.29
C PHE A 439 18.37 -28.22 5.42
N ALA A 440 18.48 -26.94 5.77
CA ALA A 440 19.78 -26.29 5.88
C ALA A 440 20.43 -26.47 7.24
N ALA A 441 19.65 -26.73 8.28
CA ALA A 441 20.19 -26.84 9.63
C ALA A 441 20.70 -28.24 9.89
N TRP A 442 22.00 -28.37 10.17
CA TRP A 442 22.62 -29.62 10.58
C TRP A 442 23.34 -29.37 11.90
N VAL A 443 22.71 -29.80 12.99
CA VAL A 443 23.21 -29.52 14.33
C VAL A 443 23.74 -30.79 14.97
N SER A 444 24.60 -30.61 15.95
CA SER A 444 25.15 -31.74 16.70
C SER A 444 24.09 -32.31 17.63
N ALA A 445 23.94 -33.63 17.62
CA ALA A 445 22.93 -34.27 18.46
C ALA A 445 23.19 -34.02 19.93
N LYS A 446 24.47 -34.00 20.33
CA LYS A 446 24.80 -33.67 21.71
C LYS A 446 24.44 -32.22 22.04
N ASP A 447 24.68 -31.31 21.09
CA ASP A 447 24.32 -29.92 21.30
C ASP A 447 22.81 -29.70 21.19
N ALA A 448 22.11 -30.58 20.48
CA ALA A 448 20.66 -30.47 20.32
C ALA A 448 19.89 -30.92 21.55
N GLY A 449 20.57 -31.47 22.56
CA GLY A 449 19.93 -31.91 23.77
C GLY A 449 19.47 -33.35 23.78
N PHE A 450 19.64 -34.08 22.68
CA PHE A 450 19.23 -35.48 22.60
C PHE A 450 20.38 -36.34 23.11
N SER A 451 20.27 -36.79 24.35
CA SER A 451 21.31 -37.58 25.01
C SER A 451 21.07 -39.06 24.69
N SER A 452 21.99 -39.66 23.94
CA SER A 452 21.91 -41.08 23.66
C SER A 452 22.52 -41.88 24.81
N PRO A 453 21.94 -43.04 25.15
CA PRO A 453 22.49 -43.82 26.26
C PRO A 453 23.93 -44.26 26.05
N ASP A 454 24.34 -44.51 24.80
CA ASP A 454 25.69 -44.95 24.49
C ASP A 454 26.64 -43.79 24.27
N GLY A 455 26.23 -42.56 24.54
CA GLY A 455 27.12 -41.42 24.38
C GLY A 455 27.51 -41.15 22.95
N SER A 456 26.57 -41.29 22.02
CA SER A 456 26.81 -41.02 20.61
C SER A 456 26.41 -39.60 20.26
N ASP A 457 26.94 -39.12 19.14
CA ASP A 457 26.62 -37.77 18.70
C ASP A 457 26.71 -37.66 17.17
N PRO A 458 25.66 -38.01 16.43
CA PRO A 458 25.67 -37.76 14.98
C PRO A 458 25.21 -36.34 14.66
N LYS A 459 25.05 -36.04 13.38
CA LYS A 459 24.53 -34.77 12.93
C LYS A 459 23.07 -34.93 12.51
N LEU A 460 22.22 -34.02 12.97
CA LEU A 460 20.79 -34.13 12.75
C LEU A 460 20.28 -32.91 11.99
N ASN A 461 19.39 -33.16 11.03
CA ASN A 461 18.77 -32.10 10.26
C ASN A 461 17.48 -31.67 10.95
N LEU A 462 17.44 -30.40 11.39
CA LEU A 462 16.26 -29.91 12.09
C LEU A 462 15.03 -29.93 11.20
N GLY A 463 15.18 -29.52 9.94
CA GLY A 463 14.05 -29.53 9.02
C GLY A 463 13.49 -30.93 8.80
N GLY A 464 14.39 -31.90 8.59
CA GLY A 464 13.93 -33.27 8.39
C GLY A 464 13.28 -33.87 9.62
N LEU A 465 13.87 -33.63 10.80
CA LEU A 465 13.27 -34.10 12.04
C LEU A 465 11.88 -33.51 12.25
N LEU A 466 11.74 -32.21 11.99
CA LEU A 466 10.44 -31.56 12.16
C LEU A 466 9.42 -32.06 11.15
N LEU A 467 9.86 -32.29 9.90
CA LEU A 467 8.96 -32.82 8.89
C LEU A 467 8.48 -34.22 9.25
N GLN A 468 9.38 -35.05 9.78
CA GLN A 468 8.99 -36.40 10.18
C GLN A 468 8.11 -36.37 11.43
N ALA A 469 8.30 -35.38 12.31
CA ALA A 469 7.44 -35.26 13.48
C ALA A 469 6.04 -34.80 13.09
N LEU A 470 5.94 -33.91 12.11
CA LEU A 470 4.63 -33.45 11.66
C LEU A 470 3.86 -34.55 10.96
N LEU A 471 4.53 -35.33 10.12
CA LEU A 471 3.93 -36.48 9.44
C LEU A 471 4.12 -37.78 10.20
N GLU A 472 4.21 -37.72 11.53
CA GLU A 472 4.42 -38.92 12.33
C GLU A 472 3.23 -39.88 12.24
N TYR A 473 2.02 -39.36 12.11
CA TYR A 473 0.82 -40.18 12.08
C TYR A 473 0.41 -40.58 10.66
N TRP A 474 1.30 -40.41 9.69
CA TRP A 474 1.00 -40.79 8.32
C TRP A 474 1.56 -42.19 8.05
N PRO A 475 0.71 -43.19 7.80
CA PRO A 475 1.22 -44.55 7.58
C PRO A 475 2.09 -44.68 6.33
N ARG A 476 1.95 -43.79 5.35
CA ARG A 476 2.79 -43.88 4.17
C ARG A 476 4.25 -43.62 4.49
N THR A 477 4.52 -42.79 5.50
CA THR A 477 5.87 -42.60 5.98
C THR A 477 6.34 -43.75 6.85
N HIS A 478 5.42 -44.49 7.46
CA HIS A 478 5.76 -45.64 8.30
C HIS A 478 6.31 -46.75 7.41
N VAL A 479 7.62 -46.94 7.46
CA VAL A 479 8.30 -47.96 6.66
C VAL A 479 8.89 -49.00 7.61
N ASN A 480 8.62 -50.27 7.32
CA ASN A 480 9.14 -51.37 8.13
C ASN A 480 10.60 -51.66 7.79
N VAL A 500 8.28 -51.62 12.04
CA VAL A 500 7.77 -50.32 11.59
C VAL A 500 8.00 -49.28 12.68
N GLN A 501 8.37 -48.07 12.27
CA GLN A 501 8.61 -46.96 13.19
C GLN A 501 7.51 -45.92 13.07
N LYS A 502 7.59 -44.92 13.95
CA LYS A 502 6.55 -43.88 14.03
C LYS A 502 7.20 -42.63 14.63
N GLY A 503 7.55 -41.68 13.77
CA GLY A 503 8.12 -40.43 14.20
C GLY A 503 9.56 -40.26 13.73
N ASN A 504 10.20 -39.23 14.27
CA ASN A 504 11.61 -38.94 13.96
C ASN A 504 12.58 -39.71 14.83
N GLY A 505 12.14 -40.20 15.99
CA GLY A 505 13.01 -40.93 16.89
C GLY A 505 13.69 -40.09 17.93
N TYR A 506 13.20 -38.88 18.21
CA TYR A 506 13.83 -38.02 19.20
C TYR A 506 12.80 -37.23 19.98
N PHE A 507 11.77 -36.71 19.30
CA PHE A 507 10.73 -35.93 19.96
C PHE A 507 9.43 -36.10 19.19
N GLN A 508 8.35 -35.64 19.80
CA GLN A 508 7.02 -35.68 19.20
C GLN A 508 6.36 -34.32 19.34
N VAL A 509 5.89 -33.78 18.23
CA VAL A 509 5.11 -32.55 18.25
C VAL A 509 3.74 -32.88 18.84
N PRO A 510 3.03 -31.92 19.44
CA PRO A 510 1.70 -32.20 19.97
C PRO A 510 0.77 -32.70 18.88
N PRO A 511 -0.10 -33.66 19.19
CA PRO A 511 -0.99 -34.20 18.15
C PRO A 511 -2.01 -33.20 17.63
N HIS A 512 -2.31 -32.14 18.39
CA HIS A 512 -3.26 -31.14 17.96
C HIS A 512 -2.64 -30.08 17.04
N THR A 513 -1.31 -30.10 16.87
CA THR A 513 -0.60 -29.09 16.09
C THR A 513 -1.11 -29.05 14.66
N PRO A 514 -1.76 -27.96 14.25
CA PRO A 514 -2.31 -27.88 12.89
C PRO A 514 -1.20 -27.74 11.86
N VAL A 515 -1.08 -28.75 11.00
CA VAL A 515 -0.15 -28.76 9.88
C VAL A 515 -0.87 -28.30 8.62
N ILE A 516 -0.22 -27.44 7.85
CA ILE A 516 -0.78 -26.84 6.66
C ILE A 516 0.20 -27.02 5.51
N PHE A 517 -0.32 -27.28 4.32
CA PHE A 517 0.45 -27.25 3.08
C PHE A 517 -0.11 -26.11 2.24
N GLY A 518 0.71 -25.11 1.97
CA GLY A 518 0.24 -23.90 1.32
C GLY A 518 1.20 -23.42 0.25
N GLU A 519 0.64 -22.85 -0.80
CA GLU A 519 1.44 -22.27 -1.88
C GLU A 519 1.92 -20.89 -1.47
N ALA A 520 3.18 -20.59 -1.79
CA ALA A 520 3.75 -19.29 -1.50
C ALA A 520 3.01 -18.20 -2.28
N GLY A 521 2.51 -17.20 -1.57
CA GLY A 521 1.76 -16.12 -2.20
C GLY A 521 0.42 -15.87 -1.53
N GLY A 522 -0.25 -16.93 -1.12
CA GLY A 522 -1.52 -16.80 -0.44
C GLY A 522 -2.42 -18.01 -0.56
N ARG A 523 -2.13 -18.88 -1.52
CA ARG A 523 -2.95 -20.05 -1.76
C ARG A 523 -2.69 -21.11 -0.70
N THR A 524 -3.77 -21.62 -0.10
CA THR A 524 -3.69 -22.69 0.88
C THR A 524 -4.22 -23.98 0.27
N LEU A 525 -3.41 -25.03 0.31
CA LEU A 525 -3.76 -26.28 -0.36
C LEU A 525 -4.47 -27.25 0.58
N PHE A 526 -3.87 -27.54 1.74
CA PHE A 526 -4.44 -28.53 2.64
C PHE A 526 -4.15 -28.14 4.07
N ARG A 527 -5.02 -28.59 4.98
CA ARG A 527 -4.87 -28.31 6.40
C ARG A 527 -5.45 -29.48 7.20
N LEU A 528 -4.73 -29.90 8.24
CA LEU A 528 -5.22 -30.97 9.10
C LEU A 528 -4.40 -30.98 10.38
N LEU A 529 -4.99 -31.53 11.43
CA LEU A 529 -4.22 -31.74 12.66
C LEU A 529 -3.26 -32.91 12.47
N CYS A 530 -2.26 -32.97 13.35
CA CYS A 530 -1.24 -34.01 13.25
C CYS A 530 -1.84 -35.40 13.39
N ARG A 531 -2.52 -35.64 14.51
CA ARG A 531 -3.16 -36.94 14.74
C ARG A 531 -4.17 -37.29 13.66
N ASP A 532 -4.70 -36.30 12.95
CA ASP A 532 -5.65 -36.55 11.87
C ASP A 532 -5.01 -37.18 10.63
N SER A 533 -3.69 -37.38 10.64
CA SER A 533 -3.04 -37.99 9.48
C SER A 533 -3.43 -39.44 9.29
N GLY A 534 -3.99 -40.08 10.32
CA GLY A 534 -4.37 -41.48 10.21
C GLY A 534 -5.62 -41.73 9.40
N GLY A 535 -6.41 -40.70 9.15
CA GLY A 535 -7.62 -40.87 8.37
C GLY A 535 -7.32 -41.20 6.92
N GLU A 536 -8.13 -42.08 6.34
CA GLU A 536 -7.90 -42.51 4.96
C GLU A 536 -8.08 -41.35 3.98
N THR A 537 -9.10 -40.53 4.19
CA THR A 537 -9.31 -39.36 3.33
C THR A 537 -8.14 -38.38 3.46
N GLU A 538 -7.75 -38.08 4.70
CA GLU A 538 -6.59 -37.22 4.90
C GLU A 538 -5.33 -37.85 4.34
N SER A 539 -5.20 -39.17 4.44
CA SER A 539 -4.02 -39.85 3.90
C SER A 539 -3.94 -39.72 2.40
N MET A 540 -5.08 -39.89 1.71
CA MET A 540 -5.07 -39.74 0.25
C MET A 540 -4.83 -38.29 -0.16
N LEU A 541 -5.44 -37.34 0.55
CA LEU A 541 -5.21 -35.94 0.21
C LEU A 541 -3.77 -35.53 0.48
N LEU A 542 -3.11 -36.17 1.45
CA LEU A 542 -1.68 -35.94 1.66
C LEU A 542 -0.86 -36.55 0.54
N ASN A 543 -1.14 -37.82 0.21
CA ASN A 543 -0.46 -38.49 -0.90
C ASN A 543 -0.57 -37.67 -2.19
N GLU A 544 -1.67 -36.94 -2.36
CA GLU A 544 -1.79 -36.11 -3.55
C GLU A 544 -1.16 -34.74 -3.36
N THR A 545 -1.17 -34.19 -2.14
CA THR A 545 -0.78 -32.81 -1.89
C THR A 545 0.67 -32.66 -1.44
N VAL A 546 1.21 -33.60 -0.68
CA VAL A 546 2.56 -33.44 -0.13
C VAL A 546 3.56 -33.32 -1.28
N PRO A 547 4.39 -32.28 -1.32
CA PRO A 547 5.32 -32.11 -2.44
C PRO A 547 6.43 -33.14 -2.41
N GLN A 548 7.17 -33.20 -3.51
CA GLN A 548 8.22 -34.21 -3.66
C GLN A 548 9.37 -33.96 -2.70
N TRP A 549 9.72 -32.70 -2.46
CA TRP A 549 10.82 -32.37 -1.56
C TRP A 549 10.51 -32.70 -0.11
N VAL A 550 9.26 -33.07 0.20
CA VAL A 550 8.91 -33.54 1.53
C VAL A 550 8.78 -35.06 1.50
N ILE A 551 8.35 -35.59 0.34
CA ILE A 551 8.18 -37.03 0.21
C ILE A 551 9.54 -37.73 0.27
N ASP A 552 10.54 -37.19 -0.44
CA ASP A 552 11.83 -37.86 -0.51
C ASP A 552 12.57 -37.89 0.82
N ILE A 553 12.11 -37.14 1.82
CA ILE A 553 12.69 -37.16 3.15
C ILE A 553 11.82 -37.90 4.15
N THR A 554 10.50 -37.67 4.11
CA THR A 554 9.61 -38.28 5.09
C THR A 554 9.20 -39.70 4.69
N VAL A 555 9.10 -39.99 3.40
CA VAL A 555 8.68 -41.30 2.93
C VAL A 555 9.90 -42.09 2.47
N ASP A 556 10.64 -41.55 1.50
CA ASP A 556 11.79 -42.26 0.96
C ASP A 556 12.96 -42.33 1.93
N LYS A 557 12.96 -41.50 2.98
CA LYS A 557 13.98 -41.51 4.02
C LYS A 557 15.37 -41.26 3.45
N ASN A 558 15.46 -40.45 2.40
CA ASN A 558 16.75 -40.17 1.76
C ASN A 558 17.43 -38.97 2.42
N MET A 559 18.70 -38.77 2.08
CA MET A 559 19.44 -37.64 2.59
C MET A 559 18.98 -36.36 1.90
N PRO A 560 18.92 -35.24 2.63
CA PRO A 560 18.42 -34.00 2.02
C PRO A 560 19.35 -33.42 0.97
N LYS A 561 20.67 -33.58 1.15
CA LYS A 561 21.69 -33.02 0.25
C LYS A 561 21.62 -31.50 0.21
N PHE A 562 22.45 -30.88 -0.63
CA PHE A 562 22.65 -29.44 -0.62
C PHE A 562 21.97 -28.78 -1.83
N ASN A 563 21.81 -27.46 -1.73
CA ASN A 563 21.18 -26.65 -2.78
C ASN A 563 19.80 -27.16 -3.13
N GLY B 4 29.52 28.40 -34.26
CA GLY B 4 29.64 27.58 -33.06
C GLY B 4 28.68 26.41 -33.03
N ASN B 5 29.02 25.38 -32.25
CA ASN B 5 28.21 24.18 -32.13
C ASN B 5 28.05 23.81 -30.66
N THR B 6 27.50 24.75 -29.88
CA THR B 6 27.25 24.57 -28.45
C THR B 6 25.83 24.99 -28.11
N CYS B 7 24.88 24.64 -28.98
CA CYS B 7 23.50 25.10 -28.80
C CYS B 7 22.85 24.49 -27.56
N TYR B 8 23.18 23.22 -27.26
CA TYR B 8 22.53 22.54 -26.13
C TYR B 8 22.86 23.22 -24.81
N LEU B 9 24.03 23.83 -24.70
CA LEU B 9 24.40 24.60 -23.52
C LEU B 9 23.90 26.05 -23.60
N ASN B 10 24.00 26.66 -24.78
CA ASN B 10 23.63 28.07 -24.92
C ASN B 10 22.14 28.27 -24.67
N SER B 11 21.31 27.30 -25.05
CA SER B 11 19.87 27.44 -24.84
C SER B 11 19.55 27.52 -23.34
N ILE B 12 20.07 26.58 -22.56
CA ILE B 12 19.78 26.59 -21.13
C ILE B 12 20.50 27.75 -20.44
N LEU B 13 21.61 28.22 -21.00
CA LEU B 13 22.25 29.42 -20.44
C LEU B 13 21.36 30.64 -20.63
N GLN B 14 20.81 30.82 -21.84
CA GLN B 14 19.88 31.92 -22.08
C GLN B 14 18.63 31.79 -21.21
N VAL B 15 18.20 30.56 -20.94
CA VAL B 15 17.06 30.35 -20.05
C VAL B 15 17.41 30.79 -18.63
N LEU B 16 18.57 30.35 -18.14
CA LEU B 16 19.00 30.70 -16.78
C LEU B 16 19.21 32.20 -16.62
N TYR B 17 19.57 32.89 -17.71
CA TYR B 17 19.78 34.33 -17.63
C TYR B 17 18.54 35.06 -17.14
N PHE B 18 17.36 34.65 -17.62
CA PHE B 18 16.11 35.27 -17.21
C PHE B 18 15.45 34.57 -16.02
N CYS B 19 16.22 33.77 -15.28
CA CYS B 19 15.56 33.19 -14.12
C CYS B 19 15.63 34.15 -12.93
N PRO B 20 14.54 34.28 -12.17
CA PRO B 20 14.53 35.23 -11.06
C PRO B 20 15.47 34.80 -9.95
N GLY B 21 16.21 35.77 -9.41
CA GLY B 21 17.16 35.52 -8.35
C GLY B 21 18.47 34.91 -8.80
N PHE B 22 18.51 34.30 -9.98
CA PHE B 22 19.76 33.69 -10.46
C PHE B 22 20.84 34.75 -10.68
N LYS B 23 20.45 35.89 -11.27
CA LYS B 23 21.40 36.96 -11.57
C LYS B 23 22.04 37.53 -10.31
N SER B 24 21.21 38.12 -9.44
CA SER B 24 21.73 38.68 -8.20
C SER B 24 22.33 37.59 -7.31
N GLY B 25 21.81 36.37 -7.39
CA GLY B 25 22.38 35.28 -6.64
C GLY B 25 23.82 35.00 -7.00
N VAL B 26 24.09 34.81 -8.30
CA VAL B 26 25.46 34.56 -8.72
C VAL B 26 26.32 35.79 -8.53
N LYS B 27 25.73 37.00 -8.59
CA LYS B 27 26.51 38.20 -8.33
C LYS B 27 27.03 38.22 -6.89
N HIS B 28 26.12 38.10 -5.93
CA HIS B 28 26.51 38.10 -4.52
C HIS B 28 27.25 36.82 -4.10
N LEU B 29 27.23 35.79 -4.94
CA LEU B 29 28.07 34.62 -4.68
C LEU B 29 29.48 34.81 -5.22
N PHE B 30 29.63 35.49 -6.36
CA PHE B 30 30.96 35.77 -6.90
C PHE B 30 31.65 36.88 -6.12
N ASN B 31 30.87 37.75 -5.48
CA ASN B 31 31.46 38.76 -4.60
C ASN B 31 32.35 38.10 -3.55
N ILE B 32 31.91 36.98 -2.98
CA ILE B 32 32.69 36.30 -1.95
C ILE B 32 33.99 35.76 -2.54
N ILE B 33 33.93 35.23 -3.77
CA ILE B 33 35.13 34.68 -4.39
C ILE B 33 36.15 35.79 -4.67
N SER B 34 35.67 36.95 -5.13
CA SER B 34 36.57 38.08 -5.34
C SER B 34 37.17 38.57 -4.03
N ARG B 35 36.35 38.63 -2.97
CA ARG B 35 36.85 39.00 -1.66
C ARG B 35 37.95 38.05 -1.21
N LYS B 36 37.75 36.75 -1.40
CA LYS B 36 38.76 35.78 -0.97
C LYS B 36 40.02 35.89 -1.81
N LYS B 37 39.88 36.12 -3.12
CA LYS B 37 41.05 36.34 -3.96
C LYS B 37 41.89 37.50 -3.43
N GLU B 38 41.25 38.64 -3.20
CA GLU B 38 42.02 39.80 -2.74
C GLU B 38 42.52 39.63 -1.32
N ALA B 39 41.79 38.91 -0.47
CA ALA B 39 42.24 38.67 0.90
C ALA B 39 43.47 37.79 0.94
N LEU B 40 43.52 36.76 0.08
CA LEU B 40 44.74 35.98 -0.04
C LEU B 40 45.85 36.74 -0.75
N LYS B 41 45.49 37.72 -1.59
CA LYS B 41 46.49 38.62 -2.13
C LYS B 41 47.13 39.47 -1.04
N ASP B 42 46.36 39.86 -0.03
CA ASP B 42 46.93 40.63 1.07
C ASP B 42 47.60 39.71 2.09
N GLU B 43 46.97 38.60 2.43
CA GLU B 43 47.54 37.66 3.41
C GLU B 43 48.68 36.86 2.78
N ASN B 51 45.43 28.17 1.23
CA ASN B 51 45.84 26.97 0.49
C ASN B 51 44.67 25.99 0.39
N CYS B 52 43.87 26.13 -0.66
CA CYS B 52 42.69 25.32 -0.86
C CYS B 52 42.96 24.22 -1.89
N LYS B 53 42.04 23.26 -1.95
CA LYS B 53 42.17 22.13 -2.85
C LYS B 53 41.85 22.55 -4.29
N GLU B 54 42.54 21.92 -5.25
CA GLU B 54 42.34 22.25 -6.65
C GLU B 54 40.97 21.79 -7.14
N ASP B 55 40.47 20.66 -6.61
CA ASP B 55 39.15 20.18 -7.01
C ASP B 55 38.07 21.20 -6.68
N SER B 56 38.16 21.83 -5.51
CA SER B 56 37.23 22.90 -5.16
C SER B 56 37.54 24.18 -5.92
N LEU B 57 38.81 24.38 -6.28
CA LEU B 57 39.21 25.58 -7.01
C LEU B 57 38.59 25.60 -8.41
N ALA B 58 38.50 24.43 -9.05
CA ALA B 58 37.85 24.35 -10.36
C ALA B 58 36.38 24.76 -10.26
N SER B 59 35.68 24.31 -9.21
CA SER B 59 34.30 24.73 -9.03
C SER B 59 34.19 26.20 -8.67
N TYR B 60 35.20 26.74 -7.98
CA TYR B 60 35.21 28.18 -7.69
C TYR B 60 35.27 28.99 -8.98
N GLU B 61 36.12 28.58 -9.92
CA GLU B 61 36.40 29.44 -11.08
C GLU B 61 35.20 29.63 -12.00
N LEU B 62 34.32 28.63 -12.10
CA LEU B 62 33.21 28.75 -13.04
C LEU B 62 32.22 29.83 -12.62
N ILE B 63 32.16 30.18 -11.32
CA ILE B 63 31.31 31.28 -10.91
C ILE B 63 31.83 32.59 -11.47
N CYS B 64 33.15 32.80 -11.43
CA CYS B 64 33.74 33.99 -12.03
C CYS B 64 33.52 34.00 -13.54
N SER B 65 33.64 32.83 -14.18
CA SER B 65 33.37 32.74 -15.61
C SER B 65 31.93 33.11 -15.93
N LEU B 66 30.98 32.59 -15.14
CA LEU B 66 29.58 32.92 -15.33
C LEU B 66 29.33 34.41 -15.11
N GLN B 67 30.02 35.01 -14.15
CA GLN B 67 29.83 36.45 -13.90
C GLN B 67 30.33 37.27 -15.08
N SER B 68 31.50 36.93 -15.62
CA SER B 68 31.96 37.60 -16.83
C SER B 68 30.96 37.44 -17.97
N LEU B 69 30.47 36.22 -18.17
CA LEU B 69 29.44 35.98 -19.19
C LEU B 69 28.23 36.88 -19.00
N ILE B 70 27.72 36.96 -17.77
CA ILE B 70 26.50 37.72 -17.53
C ILE B 70 26.76 39.21 -17.71
N ILE B 71 27.94 39.68 -17.32
CA ILE B 71 28.29 41.08 -17.56
C ILE B 71 28.32 41.37 -19.05
N SER B 72 28.89 40.45 -19.83
CA SER B 72 28.93 40.64 -21.29
C SER B 72 27.52 40.64 -21.88
N VAL B 73 26.64 39.76 -21.38
CA VAL B 73 25.27 39.72 -21.88
C VAL B 73 24.53 41.00 -21.54
N GLU B 74 24.76 41.54 -20.33
CA GLU B 74 24.15 42.82 -19.98
C GLU B 74 24.67 43.94 -20.88
N GLN B 75 25.96 43.92 -21.19
CA GLN B 75 26.52 44.92 -22.10
C GLN B 75 25.89 44.82 -23.48
N LEU B 76 25.66 43.59 -23.95
CA LEU B 76 25.04 43.40 -25.27
C LEU B 76 23.56 43.77 -25.26
N GLN B 77 22.89 43.64 -24.12
CA GLN B 77 21.48 44.01 -24.04
C GLN B 77 21.29 45.52 -24.14
N ALA B 78 22.23 46.29 -23.58
CA ALA B 78 22.09 47.74 -23.57
C ALA B 78 22.18 48.32 -24.98
N SER B 79 22.92 47.68 -25.87
CA SER B 79 23.06 48.15 -27.24
C SER B 79 21.97 47.62 -28.16
N PHE B 80 21.17 46.66 -27.71
CA PHE B 80 20.11 46.05 -28.52
C PHE B 80 20.67 45.48 -29.82
N LEU B 81 21.82 44.81 -29.72
CA LEU B 81 22.45 44.15 -30.84
C LEU B 81 22.01 42.69 -30.84
N LEU B 82 21.33 42.27 -31.92
CA LEU B 82 20.69 40.97 -31.97
C LEU B 82 21.52 39.90 -32.67
N ASN B 83 22.65 40.26 -33.27
CA ASN B 83 23.53 39.29 -33.92
C ASN B 83 24.96 39.76 -33.79
N PRO B 84 25.61 39.49 -32.65
CA PRO B 84 26.97 40.01 -32.42
C PRO B 84 28.04 39.20 -33.14
N GLU B 85 27.64 38.29 -34.03
CA GLU B 85 28.59 37.44 -34.71
C GLU B 85 29.58 38.24 -35.56
N LYS B 86 29.13 39.36 -36.14
CA LYS B 86 30.00 40.23 -36.91
C LYS B 86 30.76 41.24 -36.06
N TYR B 87 30.35 41.43 -34.79
CA TYR B 87 31.02 42.39 -33.91
C TYR B 87 31.93 41.69 -32.91
N THR B 88 31.36 40.85 -32.05
CA THR B 88 32.10 40.22 -30.95
C THR B 88 32.01 38.70 -31.07
N ASP B 89 33.17 38.05 -31.17
CA ASP B 89 33.21 36.60 -31.09
C ASP B 89 33.02 36.08 -29.68
N GLU B 90 33.03 36.97 -28.68
CA GLU B 90 32.96 36.56 -27.27
C GLU B 90 31.69 35.77 -26.98
N LEU B 91 30.58 36.10 -27.65
CA LEU B 91 29.31 35.43 -27.43
C LEU B 91 29.43 33.92 -27.63
N ALA B 92 30.36 33.48 -28.46
CA ALA B 92 30.60 32.07 -28.67
C ALA B 92 31.80 31.55 -27.88
N THR B 93 32.78 32.40 -27.58
CA THR B 93 33.97 31.94 -26.87
C THR B 93 33.69 31.69 -25.40
N GLN B 94 32.76 32.44 -24.80
CA GLN B 94 32.48 32.27 -23.37
C GLN B 94 31.82 30.92 -23.06
N PRO B 95 30.84 30.46 -23.85
CA PRO B 95 30.29 29.12 -23.58
C PRO B 95 31.34 28.02 -23.61
N ARG B 96 32.36 28.12 -24.47
CA ARG B 96 33.44 27.13 -24.44
C ARG B 96 34.25 27.23 -23.15
N ARG B 97 34.48 28.46 -22.69
CA ARG B 97 35.17 28.67 -21.42
C ARG B 97 34.42 28.01 -20.27
N LEU B 98 33.08 28.03 -20.32
CA LEU B 98 32.30 27.37 -19.29
C LEU B 98 32.25 25.86 -19.50
N LEU B 99 32.18 25.41 -20.75
CA LEU B 99 32.02 24.00 -21.05
C LEU B 99 33.27 23.21 -20.72
N ASN B 100 34.46 23.81 -20.88
CA ASN B 100 35.68 23.12 -20.48
C ASN B 100 35.68 22.83 -18.98
N THR B 101 35.33 23.83 -18.16
CA THR B 101 35.26 23.63 -16.72
C THR B 101 34.19 22.60 -16.36
N LEU B 102 33.04 22.67 -17.03
CA LEU B 102 31.99 21.69 -16.79
C LEU B 102 32.49 20.27 -17.05
N ARG B 103 33.05 20.04 -18.25
CA ARG B 103 33.57 18.72 -18.59
C ARG B 103 34.65 18.27 -17.62
N GLU B 104 35.44 19.21 -17.10
CA GLU B 104 36.44 18.86 -16.10
C GLU B 104 35.80 18.44 -14.79
N LEU B 105 34.68 19.03 -14.43
CA LEU B 105 34.02 18.73 -13.18
C LEU B 105 33.20 17.44 -13.20
N ASN B 106 33.22 16.68 -14.30
CA ASN B 106 32.35 15.52 -14.40
C ASN B 106 33.09 14.31 -14.95
N PRO B 107 32.64 13.10 -14.61
CA PRO B 107 33.15 11.92 -15.31
C PRO B 107 32.45 11.66 -16.63
N MET B 108 31.28 12.24 -16.84
CA MET B 108 30.57 12.06 -18.11
C MET B 108 31.31 12.77 -19.23
N TYR B 109 30.94 12.40 -20.47
CA TYR B 109 31.52 12.89 -21.73
C TYR B 109 32.32 14.20 -21.64
N LEU B 113 29.60 16.31 -30.35
CA LEU B 113 29.51 17.76 -30.38
C LEU B 113 28.14 18.23 -29.86
N GLN B 114 27.25 17.26 -29.63
CA GLN B 114 25.92 17.53 -29.11
C GLN B 114 25.59 16.49 -28.04
N HIS B 115 24.93 16.94 -26.98
CA HIS B 115 24.54 16.04 -25.90
C HIS B 115 23.22 16.53 -25.31
N ASP B 116 22.85 15.96 -24.16
CA ASP B 116 21.58 16.28 -23.53
C ASP B 116 21.59 17.69 -22.98
N ALA B 117 20.50 18.42 -23.23
CA ALA B 117 20.33 19.75 -22.66
C ALA B 117 19.78 19.71 -21.24
N GLN B 118 19.21 18.60 -20.82
CA GLN B 118 18.76 18.48 -19.43
C GLN B 118 19.90 18.04 -18.52
N GLU B 119 20.77 17.17 -19.01
CA GLU B 119 21.91 16.72 -18.22
C GLU B 119 22.83 17.88 -17.88
N VAL B 120 23.07 18.78 -18.84
CA VAL B 120 23.94 19.92 -18.58
C VAL B 120 23.29 20.89 -17.60
N LEU B 121 21.96 21.01 -17.65
CA LEU B 121 21.27 21.88 -16.70
C LEU B 121 21.43 21.38 -15.28
N GLN B 122 21.11 20.10 -15.05
CA GLN B 122 21.29 19.52 -13.73
C GLN B 122 22.74 19.58 -13.30
N CYS B 123 23.67 19.42 -14.24
CA CYS B 123 25.09 19.45 -13.89
C CYS B 123 25.53 20.84 -13.44
N ILE B 124 25.10 21.87 -14.16
CA ILE B 124 25.44 23.25 -13.77
C ILE B 124 24.82 23.57 -12.42
N LEU B 125 23.56 23.19 -12.22
CA LEU B 125 22.91 23.47 -10.94
C LEU B 125 23.61 22.73 -9.80
N GLY B 126 24.03 21.48 -10.03
CA GLY B 126 24.72 20.73 -9.01
C GLY B 126 26.10 21.29 -8.70
N ASN B 127 26.80 21.78 -9.71
CA ASN B 127 28.10 22.40 -9.47
C ASN B 127 27.95 23.70 -8.70
N ILE B 128 26.91 24.49 -9.01
CA ILE B 128 26.67 25.72 -8.25
C ILE B 128 26.31 25.39 -6.81
N GLN B 129 25.51 24.35 -6.59
CA GLN B 129 25.20 23.93 -5.22
C GLN B 129 26.45 23.41 -4.51
N GLU B 130 27.34 22.73 -5.24
CA GLU B 130 28.58 22.24 -4.65
C GLU B 130 29.46 23.39 -4.18
N THR B 131 29.64 24.41 -5.03
CA THR B 131 30.44 25.55 -4.61
C THR B 131 29.72 26.36 -3.52
N CYS B 132 28.39 26.34 -3.50
CA CYS B 132 27.66 26.95 -2.39
C CYS B 132 27.97 26.26 -1.08
N GLN B 133 28.00 24.93 -1.07
CA GLN B 133 28.38 24.20 0.14
C GLN B 133 29.84 24.47 0.51
N LEU B 134 30.71 24.53 -0.48
CA LEU B 134 32.12 24.78 -0.23
C LEU B 134 32.36 26.17 0.36
N LEU B 135 31.52 27.14 -0.01
CA LEU B 135 31.62 28.47 0.59
C LEU B 135 30.90 28.53 1.94
N LYS B 136 29.86 27.72 2.13
CA LYS B 136 29.20 27.63 3.43
C LYS B 136 30.18 27.10 4.48
N LYS B 137 30.97 26.10 4.12
CA LYS B 137 31.92 25.51 5.05
C LYS B 137 33.04 26.45 5.47
N GLU B 138 33.06 27.68 4.94
CA GLU B 138 34.07 28.67 5.32
C GLU B 138 33.44 30.01 5.68
N GLU B 139 32.16 30.03 6.02
CA GLU B 139 31.47 31.26 6.44
C GLU B 139 31.27 31.32 7.94
N GLY B 140 30.60 30.32 8.52
CA GLY B 140 30.45 30.23 9.96
C GLY B 140 31.64 29.66 10.69
N SER B 141 32.63 29.13 9.96
CA SER B 141 33.84 28.58 10.54
C SER B 141 35.07 29.42 10.19
N GLY B 142 34.89 30.73 10.05
CA GLY B 142 35.99 31.61 9.71
C GLY B 142 35.59 33.07 9.69
N ILE B 150 20.44 31.91 3.06
CA ILE B 150 20.00 32.92 2.09
C ILE B 150 21.02 33.05 0.96
N GLY B 151 22.27 33.32 1.32
CA GLY B 151 23.30 33.54 0.31
C GLY B 151 23.66 32.28 -0.45
N PHE B 152 23.77 31.15 0.26
CA PHE B 152 24.18 29.89 -0.34
C PHE B 152 23.01 28.93 -0.55
N GLU B 153 21.78 29.45 -0.56
CA GLU B 153 20.58 28.66 -0.82
C GLU B 153 20.00 29.00 -2.19
N LEU B 154 20.87 29.20 -3.18
CA LEU B 154 20.44 29.62 -4.50
C LEU B 154 19.73 28.50 -5.24
N VAL B 155 20.47 27.45 -5.60
CA VAL B 155 19.88 26.33 -6.34
C VAL B 155 18.84 25.60 -5.49
N GLU B 156 19.04 25.57 -4.17
CA GLU B 156 18.13 24.83 -3.31
C GLU B 156 16.74 25.45 -3.28
N LYS B 157 16.66 26.78 -3.33
CA LYS B 157 15.40 27.50 -3.23
C LYS B 157 15.10 28.28 -4.50
N LEU B 158 15.43 27.69 -5.65
CA LEU B 158 15.03 28.24 -6.94
C LEU B 158 14.48 27.14 -7.84
N PHE B 159 15.17 26.00 -7.89
CA PHE B 159 14.78 24.89 -8.74
C PHE B 159 14.47 23.61 -7.99
N GLN B 160 14.97 23.45 -6.76
CA GLN B 160 14.82 22.21 -6.00
C GLN B 160 13.68 22.34 -5.00
N GLY B 161 12.89 21.28 -4.87
CA GLY B 161 11.76 21.28 -3.96
C GLY B 161 11.77 20.13 -2.98
N GLN B 162 10.61 19.83 -2.41
CA GLN B 162 10.46 18.78 -1.39
C GLN B 162 9.38 17.82 -1.87
N LEU B 163 9.79 16.67 -2.40
CA LEU B 163 8.87 15.62 -2.81
C LEU B 163 8.54 14.73 -1.62
N VAL B 164 7.33 14.17 -1.64
CA VAL B 164 6.87 13.30 -0.57
C VAL B 164 6.40 11.98 -1.18
N LEU B 165 6.82 10.88 -0.56
CA LEU B 165 6.51 9.53 -1.04
C LEU B 165 5.67 8.81 0.01
N ARG B 166 4.43 9.27 0.19
CA ARG B 166 3.50 8.60 1.08
C ARG B 166 2.85 7.42 0.37
N THR B 167 2.82 6.27 1.04
CA THR B 167 2.05 5.13 0.56
C THR B 167 1.06 4.70 1.64
N ARG B 168 -0.10 4.22 1.19
CA ARG B 168 -1.26 4.01 2.05
C ARG B 168 -1.62 2.53 2.04
N CYS B 169 -1.68 1.93 3.22
CA CYS B 169 -2.08 0.52 3.35
C CYS B 169 -3.59 0.45 3.23
N LEU B 170 -4.09 0.01 2.07
CA LEU B 170 -5.52 0.09 1.80
C LEU B 170 -6.37 -0.69 2.80
N GLU B 171 -5.76 -1.56 3.61
CA GLU B 171 -6.51 -2.26 4.65
C GLU B 171 -6.80 -1.34 5.83
N CYS B 172 -5.77 -1.05 6.63
CA CYS B 172 -5.93 -0.15 7.77
C CYS B 172 -5.95 1.32 7.36
N GLU B 173 -5.67 1.63 6.10
CA GLU B 173 -5.70 3.00 5.58
C GLU B 173 -4.78 3.92 6.37
N SER B 174 -3.58 3.42 6.68
CA SER B 174 -2.54 4.20 7.32
C SER B 174 -1.54 4.68 6.28
N LEU B 175 -0.97 5.85 6.53
CA LEU B 175 -0.03 6.50 5.62
C LEU B 175 1.38 6.38 6.19
N THR B 176 2.32 5.94 5.35
CA THR B 176 3.74 5.99 5.67
C THR B 176 4.39 7.01 4.74
N GLU B 177 5.12 7.96 5.33
CA GLU B 177 5.60 9.14 4.64
C GLU B 177 7.12 9.14 4.55
N ARG B 178 7.63 9.53 3.38
CA ARG B 178 9.06 9.71 3.17
C ARG B 178 9.27 10.99 2.39
N ARG B 179 10.43 11.61 2.59
CA ARG B 179 10.75 12.90 1.98
C ARG B 179 11.97 12.77 1.08
N GLU B 180 11.94 13.51 -0.03
CA GLU B 180 13.03 13.51 -0.99
C GLU B 180 13.16 14.90 -1.59
N ASP B 181 14.20 15.08 -2.39
CA ASP B 181 14.44 16.33 -3.10
C ASP B 181 14.37 16.08 -4.61
N PHE B 182 14.14 17.15 -5.36
CA PHE B 182 14.00 17.04 -6.80
C PHE B 182 14.23 18.40 -7.43
N GLN B 183 14.86 18.39 -8.61
CA GLN B 183 15.03 19.60 -9.41
C GLN B 183 14.19 19.54 -10.67
N ASP B 184 14.38 18.51 -11.50
CA ASP B 184 13.63 18.33 -12.73
C ASP B 184 12.46 17.37 -12.50
N ILE B 185 11.46 17.47 -13.38
CA ILE B 185 10.28 16.61 -13.33
C ILE B 185 10.16 15.95 -14.69
N SER B 186 10.81 14.80 -14.85
CA SER B 186 10.73 14.06 -16.10
C SER B 186 9.31 13.57 -16.33
N VAL B 187 8.85 13.69 -17.57
CA VAL B 187 7.44 13.47 -17.89
C VAL B 187 7.30 12.87 -19.29
N PRO B 188 6.45 11.87 -19.47
CA PRO B 188 6.27 11.28 -20.80
C PRO B 188 5.26 12.07 -21.62
N VAL B 189 5.13 11.66 -22.88
CA VAL B 189 4.26 12.33 -23.85
C VAL B 189 3.00 11.52 -24.13
N GLN B 190 3.16 10.26 -24.52
CA GLN B 190 2.03 9.41 -24.88
C GLN B 190 2.02 8.15 -24.03
N GLU B 191 0.94 7.38 -24.17
CA GLU B 191 0.65 6.25 -23.30
C GLU B 191 1.09 4.94 -23.94
N ASP B 192 1.27 3.93 -23.09
CA ASP B 192 1.65 2.59 -23.53
C ASP B 192 1.21 1.53 -22.52
N GLU B 210 -5.26 11.54 -28.36
CA GLU B 210 -3.83 11.61 -28.63
C GLU B 210 -3.23 12.91 -28.08
N MET B 211 -3.99 13.99 -28.19
CA MET B 211 -3.57 15.29 -27.64
C MET B 211 -3.81 15.26 -26.14
N LYS B 212 -2.73 15.12 -25.38
CA LYS B 212 -2.79 15.02 -23.92
C LYS B 212 -2.48 16.37 -23.30
N THR B 213 -3.35 16.81 -22.38
CA THR B 213 -3.07 18.03 -21.64
C THR B 213 -1.93 17.80 -20.66
N LEU B 214 -1.38 18.90 -20.15
CA LEU B 214 -0.27 18.80 -19.20
C LEU B 214 -0.70 18.07 -17.93
N ARG B 215 -1.99 18.14 -17.59
CA ARG B 215 -2.48 17.42 -16.41
C ARG B 215 -2.29 15.93 -16.54
N TRP B 216 -2.60 15.37 -17.72
CA TRP B 216 -2.39 13.94 -17.94
C TRP B 216 -0.92 13.57 -17.83
N ALA B 217 -0.04 14.38 -18.42
CA ALA B 217 1.39 14.08 -18.39
C ALA B 217 1.97 14.22 -16.98
N ILE B 218 1.43 15.13 -16.17
CA ILE B 218 1.85 15.23 -14.78
C ILE B 218 1.36 14.04 -13.99
N SER B 219 0.14 13.58 -14.27
CA SER B 219 -0.38 12.40 -13.60
C SER B 219 0.44 11.16 -13.92
N GLN B 220 0.90 11.04 -15.17
CA GLN B 220 1.70 9.88 -15.55
C GLN B 220 2.96 9.77 -14.72
N PHE B 221 3.47 10.89 -14.19
CA PHE B 221 4.67 10.90 -13.37
C PHE B 221 4.36 10.81 -11.87
N ALA B 222 3.35 11.54 -11.41
CA ALA B 222 3.14 11.72 -9.98
C ALA B 222 2.01 10.88 -9.40
N SER B 223 1.10 10.35 -10.23
CA SER B 223 -0.06 9.65 -9.70
C SER B 223 0.28 8.28 -9.14
N VAL B 224 -0.74 7.45 -8.94
CA VAL B 224 -0.65 6.26 -8.09
C VAL B 224 -0.34 5.03 -8.92
N GLU B 225 0.58 4.21 -8.40
CA GLU B 225 0.78 2.84 -8.84
C GLU B 225 0.27 1.92 -7.73
N ARG B 226 -0.61 0.99 -8.09
CA ARG B 226 -1.25 0.15 -7.09
C ARG B 226 -0.46 -1.14 -6.86
N ILE B 227 -0.28 -1.48 -5.59
CA ILE B 227 0.40 -2.70 -5.18
C ILE B 227 -0.68 -3.71 -4.77
N VAL B 228 -0.86 -4.74 -5.60
CA VAL B 228 -1.84 -5.79 -5.35
C VAL B 228 -1.55 -6.96 -6.29
N GLY B 229 -1.69 -8.18 -5.78
CA GLY B 229 -1.49 -9.36 -6.61
C GLY B 229 -0.51 -10.35 -6.03
N GLU B 230 0.47 -10.77 -6.84
CA GLU B 230 1.48 -11.71 -6.36
C GLU B 230 2.31 -11.10 -5.25
N ASP B 231 2.92 -9.95 -5.51
CA ASP B 231 3.72 -9.23 -4.52
C ASP B 231 2.86 -8.12 -3.93
N LYS B 232 2.33 -8.36 -2.73
CA LYS B 232 1.58 -7.34 -2.01
C LYS B 232 2.52 -6.56 -1.10
N TYR B 233 1.95 -5.60 -0.37
CA TYR B 233 2.71 -4.76 0.55
C TYR B 233 2.52 -5.27 1.97
N PHE B 234 3.63 -5.54 2.66
CA PHE B 234 3.55 -6.00 4.04
C PHE B 234 3.35 -4.80 4.96
N CYS B 235 2.17 -4.70 5.56
CA CYS B 235 1.87 -3.65 6.51
C CYS B 235 2.33 -4.07 7.91
N GLU B 236 3.13 -3.21 8.53
CA GLU B 236 3.54 -3.42 9.91
C GLU B 236 2.38 -3.21 10.88
N ASN B 237 1.52 -2.23 10.58
CA ASN B 237 0.37 -1.96 11.45
C ASN B 237 -0.62 -3.11 11.38
N CYS B 238 -0.95 -3.58 10.17
CA CYS B 238 -1.78 -4.76 10.03
C CYS B 238 -1.02 -6.04 10.26
N HIS B 239 0.32 -5.99 10.25
CA HIS B 239 1.16 -7.18 10.36
C HIS B 239 0.81 -8.21 9.29
N HIS B 240 0.50 -7.74 8.08
CA HIS B 240 -0.11 -8.65 7.11
C HIS B 240 0.09 -8.11 5.70
N TYR B 241 -0.07 -9.01 4.73
CA TYR B 241 -0.03 -8.64 3.32
C TYR B 241 -1.30 -7.92 2.93
N THR B 242 -1.18 -6.66 2.49
CA THR B 242 -2.30 -5.83 2.10
C THR B 242 -1.99 -5.16 0.76
N GLU B 243 -2.98 -4.44 0.24
CA GLU B 243 -2.80 -3.63 -0.95
C GLU B 243 -2.25 -2.26 -0.57
N ALA B 244 -1.54 -1.63 -1.52
CA ALA B 244 -0.92 -0.33 -1.25
C ALA B 244 -1.06 0.57 -2.46
N GLU B 245 -0.70 1.84 -2.26
CA GLU B 245 -0.78 2.86 -3.31
C GLU B 245 0.49 3.71 -3.24
N ARG B 246 1.41 3.47 -4.17
CA ARG B 246 2.63 4.29 -4.26
C ARG B 246 2.28 5.56 -5.02
N SER B 247 2.30 6.69 -4.31
CA SER B 247 1.95 7.98 -4.89
C SER B 247 3.02 9.00 -4.56
N LEU B 248 3.19 9.96 -5.45
CA LEU B 248 4.12 11.07 -5.26
C LEU B 248 3.35 12.35 -4.96
N LEU B 249 3.96 13.24 -4.19
CA LEU B 249 3.31 14.46 -3.76
C LEU B 249 4.33 15.57 -3.64
N PHE B 250 3.83 16.81 -3.61
CA PHE B 250 4.65 18.01 -3.53
C PHE B 250 4.38 18.70 -2.19
N ASP B 251 5.43 18.89 -1.40
CA ASP B 251 5.33 19.50 -0.08
C ASP B 251 5.69 20.97 -0.10
N LYS B 252 6.94 21.29 -0.44
CA LYS B 252 7.42 22.66 -0.49
C LYS B 252 8.04 22.90 -1.86
N MET B 253 7.51 23.90 -2.58
CA MET B 253 7.91 24.04 -3.97
C MET B 253 8.94 25.16 -4.14
N PRO B 254 9.85 25.01 -5.11
CA PRO B 254 10.85 26.05 -5.35
C PRO B 254 10.27 27.28 -6.02
N GLU B 255 11.13 28.27 -6.32
CA GLU B 255 10.66 29.48 -6.99
C GLU B 255 10.41 29.25 -8.47
N VAL B 256 11.15 28.32 -9.08
CA VAL B 256 11.01 28.01 -10.50
C VAL B 256 10.92 26.50 -10.65
N ILE B 257 9.92 26.03 -11.38
CA ILE B 257 9.70 24.62 -11.66
C ILE B 257 10.27 24.31 -13.03
N THR B 258 11.18 23.34 -13.08
CA THR B 258 11.74 22.84 -14.32
C THR B 258 11.05 21.53 -14.69
N ILE B 259 10.63 21.42 -15.95
CA ILE B 259 9.86 20.27 -16.42
C ILE B 259 10.60 19.66 -17.60
N HIS B 260 11.04 18.41 -17.44
CA HIS B 260 11.67 17.65 -18.49
C HIS B 260 10.63 16.83 -19.24
N LEU B 261 10.77 16.74 -20.55
CA LEU B 261 9.80 16.07 -21.41
C LEU B 261 10.48 14.88 -22.09
N LYS B 262 10.04 13.67 -21.74
CA LYS B 262 10.60 12.48 -22.35
C LYS B 262 10.09 12.31 -23.78
N CYS B 263 10.94 11.74 -24.62
CA CYS B 263 10.59 11.46 -26.01
C CYS B 263 11.22 10.15 -26.49
N LYS B 280 12.81 9.68 -30.68
CA LYS B 280 12.11 10.95 -30.58
C LYS B 280 10.66 10.82 -31.02
N ILE B 281 9.78 11.63 -30.44
CA ILE B 281 8.37 11.66 -30.78
C ILE B 281 8.04 13.05 -31.31
N ASN B 282 7.52 13.10 -32.54
CA ASN B 282 7.15 14.36 -33.18
C ASN B 282 5.71 14.76 -32.89
N THR B 283 5.07 14.15 -31.89
CA THR B 283 3.71 14.49 -31.53
C THR B 283 3.72 15.36 -30.28
N PRO B 284 3.47 16.65 -30.39
CA PRO B 284 3.48 17.53 -29.20
C PRO B 284 2.19 17.36 -28.39
N LEU B 285 2.13 18.10 -27.29
CA LEU B 285 1.00 18.07 -26.38
C LEU B 285 0.54 19.50 -26.11
N LEU B 286 -0.49 19.62 -25.27
CA LEU B 286 -0.98 20.94 -24.87
C LEU B 286 -0.04 21.56 -23.85
N THR B 287 0.30 22.83 -24.05
CA THR B 287 1.21 23.57 -23.17
C THR B 287 0.45 24.73 -22.55
N PRO B 288 -0.10 24.56 -21.34
CA PRO B 288 -0.85 25.65 -20.72
C PRO B 288 0.06 26.74 -20.20
N LEU B 289 -0.43 27.97 -20.29
CA LEU B 289 0.30 29.13 -19.79
C LEU B 289 0.31 29.15 -18.27
N LYS B 290 -0.87 29.33 -17.67
CA LYS B 290 -0.99 29.29 -16.22
C LYS B 290 -0.90 27.84 -15.73
N LEU B 291 -0.43 27.67 -14.50
CA LEU B 291 -0.25 26.34 -13.93
C LEU B 291 -0.37 26.42 -12.41
N SER B 292 -1.02 25.41 -11.83
CA SER B 292 -1.12 25.26 -10.39
C SER B 292 -1.02 23.79 -10.05
N LEU B 293 -0.22 23.47 -9.02
CA LEU B 293 0.05 22.09 -8.63
C LEU B 293 -0.78 21.66 -7.43
N GLU B 294 -1.91 22.32 -7.17
CA GLU B 294 -2.72 21.99 -6.00
C GLU B 294 -3.38 20.62 -6.11
N GLU B 295 -3.51 20.08 -7.32
CA GLU B 295 -4.12 18.77 -7.49
C GLU B 295 -3.21 17.66 -6.97
N TRP B 296 -1.91 17.84 -7.04
CA TRP B 296 -0.93 16.84 -6.61
C TRP B 296 -0.06 17.36 -5.48
N SER B 297 -0.64 18.13 -4.57
CA SER B 297 0.08 18.75 -3.47
C SER B 297 -0.28 18.10 -2.15
N THR B 298 0.70 18.04 -1.25
CA THR B 298 0.44 17.56 0.11
C THR B 298 -0.53 18.48 0.83
N LYS B 299 -0.12 19.72 1.06
CA LYS B 299 -0.95 20.74 1.69
C LYS B 299 -1.49 21.65 0.59
N PRO B 300 -2.77 21.51 0.19
CA PRO B 300 -3.29 22.30 -0.94
C PRO B 300 -3.19 23.80 -0.72
N THR B 301 -2.24 24.43 -1.42
CA THR B 301 -2.05 25.87 -1.39
C THR B 301 -2.25 26.44 -2.79
N ASN B 302 -2.66 27.71 -2.84
CA ASN B 302 -2.99 28.37 -4.10
C ASN B 302 -1.81 29.10 -4.71
N ASP B 303 -0.59 28.57 -4.58
CA ASP B 303 0.58 29.15 -5.22
C ASP B 303 0.61 28.70 -6.67
N SER B 304 0.16 29.58 -7.57
CA SER B 304 0.11 29.27 -8.99
C SER B 304 1.40 29.71 -9.68
N TYR B 305 1.65 29.12 -10.85
CA TYR B 305 2.87 29.38 -11.60
C TYR B 305 2.51 29.73 -13.05
N GLY B 306 3.47 30.34 -13.74
CA GLY B 306 3.27 30.73 -15.12
C GLY B 306 4.42 30.36 -16.04
N LEU B 307 4.09 29.89 -17.25
CA LEU B 307 5.13 29.50 -18.19
C LEU B 307 5.94 30.70 -18.63
N PHE B 308 7.27 30.58 -18.58
CA PHE B 308 8.14 31.68 -19.00
C PHE B 308 9.35 31.27 -19.81
N ALA B 309 9.63 29.98 -20.00
CA ALA B 309 10.79 29.59 -20.78
C ALA B 309 10.56 28.21 -21.38
N VAL B 310 10.90 28.06 -22.66
CA VAL B 310 10.72 26.82 -23.40
C VAL B 310 12.00 26.54 -24.19
N VAL B 311 12.52 25.32 -24.05
CA VAL B 311 13.66 24.85 -24.83
C VAL B 311 13.15 23.77 -25.77
N MET B 312 13.33 23.97 -27.08
CA MET B 312 12.80 23.10 -28.11
C MET B 312 13.94 22.45 -28.88
N HIS B 313 13.63 21.30 -29.47
CA HIS B 313 14.59 20.47 -30.19
C HIS B 313 14.19 20.41 -31.67
N SER B 314 15.17 20.62 -32.55
CA SER B 314 14.96 20.53 -33.99
C SER B 314 15.81 19.40 -34.54
N GLY B 315 15.20 18.53 -35.32
CA GLY B 315 15.88 17.37 -35.86
C GLY B 315 15.36 16.10 -35.20
N ILE B 316 15.24 15.03 -36.01
CA ILE B 316 14.74 13.77 -35.49
C ILE B 316 15.82 13.07 -34.66
N THR B 317 17.07 13.16 -35.10
CA THR B 317 18.17 12.50 -34.40
C THR B 317 18.67 13.41 -33.29
N ILE B 318 18.57 12.94 -32.03
CA ILE B 318 19.09 13.69 -30.89
C ILE B 318 20.61 13.68 -30.85
N SER B 319 21.26 12.83 -31.65
CA SER B 319 22.71 12.79 -31.68
C SER B 319 23.30 14.12 -32.13
N SER B 320 22.64 14.78 -33.08
CA SER B 320 23.12 16.07 -33.59
C SER B 320 21.93 16.97 -33.91
N GLY B 321 20.98 17.06 -32.97
CA GLY B 321 19.87 17.96 -33.11
C GLY B 321 20.18 19.34 -32.54
N HIS B 322 19.50 20.35 -33.06
CA HIS B 322 19.76 21.74 -32.69
C HIS B 322 18.75 22.20 -31.67
N TYR B 323 19.24 22.75 -30.56
CA TYR B 323 18.39 23.26 -29.50
C TYR B 323 18.13 24.75 -29.71
N THR B 324 16.86 25.15 -29.65
CA THR B 324 16.47 26.54 -29.76
C THR B 324 15.78 26.96 -28.46
N ALA B 325 15.98 28.20 -28.06
CA ALA B 325 15.46 28.67 -26.79
C ALA B 325 14.39 29.73 -27.01
N SER B 326 13.55 29.93 -25.99
CA SER B 326 12.61 31.04 -26.02
C SER B 326 12.22 31.39 -24.60
N VAL B 327 12.18 32.68 -24.30
CA VAL B 327 11.91 33.17 -22.95
C VAL B 327 10.94 34.35 -23.02
N LYS B 328 9.94 34.34 -22.15
CA LYS B 328 9.05 35.47 -21.97
C LYS B 328 9.65 36.43 -20.94
N VAL B 329 9.31 37.71 -21.09
CA VAL B 329 9.86 38.76 -20.24
C VAL B 329 8.71 39.47 -19.53
N THR B 330 8.75 39.45 -18.21
CA THR B 330 7.80 40.17 -17.36
C THR B 330 8.57 40.90 -16.27
N ASP B 331 7.85 41.78 -15.55
CA ASP B 331 8.41 42.50 -14.41
C ASP B 331 9.62 43.35 -14.81
N LEU B 332 9.65 43.81 -16.06
CA LEU B 332 10.73 44.67 -16.54
C LEU B 332 10.56 46.05 -15.95
N ASN B 333 10.99 46.19 -14.69
CA ASN B 333 10.74 47.39 -13.91
C ASN B 333 11.64 48.56 -14.33
N SER B 334 12.82 48.27 -14.87
CA SER B 334 13.79 49.33 -15.15
C SER B 334 13.26 50.31 -16.19
N SER B 335 12.90 49.81 -17.39
CA SER B 335 12.47 50.72 -18.45
C SER B 335 11.67 50.01 -19.54
N LEU B 336 12.14 48.85 -19.99
CA LEU B 336 11.65 48.25 -21.23
C LEU B 336 10.27 47.63 -21.03
N LYS B 337 9.23 48.44 -21.22
CA LYS B 337 7.88 47.92 -21.36
C LYS B 337 7.56 47.56 -22.81
N GLU B 338 8.36 48.04 -23.77
CA GLU B 338 8.17 47.67 -25.16
C GLU B 338 8.24 46.16 -25.34
N TYR B 339 9.14 45.51 -24.60
CA TYR B 339 9.28 44.06 -24.68
C TYR B 339 8.37 43.32 -23.70
N GLU B 340 7.68 44.03 -22.82
CA GLU B 340 6.82 43.39 -21.83
C GLU B 340 5.71 42.62 -22.51
N GLY B 341 5.64 41.31 -22.22
CA GLY B 341 4.67 40.43 -22.83
C GLY B 341 5.17 39.70 -24.06
N LYS B 342 6.17 40.23 -24.75
CA LYS B 342 6.70 39.57 -25.93
C LYS B 342 7.56 38.37 -25.54
N TRP B 343 7.98 37.61 -26.55
CA TRP B 343 8.81 36.43 -26.35
C TRP B 343 10.10 36.58 -27.15
N LEU B 344 11.24 36.43 -26.48
CA LEU B 344 12.52 36.37 -27.15
C LEU B 344 12.80 34.95 -27.60
N LEU B 345 13.26 34.82 -28.84
CA LEU B 345 13.62 33.54 -29.43
C LEU B 345 15.10 33.52 -29.74
N PHE B 346 15.77 32.42 -29.39
CA PHE B 346 17.22 32.28 -29.56
C PHE B 346 17.48 31.10 -30.49
N ASP B 347 18.05 31.39 -31.66
CA ASP B 347 18.50 30.37 -32.60
C ASP B 347 19.93 30.72 -32.98
N ASP B 348 20.86 29.87 -32.55
CA ASP B 348 22.31 30.10 -32.74
C ASP B 348 22.62 31.47 -32.14
N SER B 349 23.34 32.34 -32.85
CA SER B 349 23.68 33.66 -32.33
C SER B 349 22.59 34.70 -32.60
N GLU B 350 21.46 34.30 -33.17
CA GLU B 350 20.42 35.24 -33.56
C GLU B 350 19.29 35.21 -32.54
N VAL B 351 19.05 36.35 -31.89
CA VAL B 351 17.91 36.54 -31.01
C VAL B 351 16.89 37.42 -31.72
N LYS B 352 15.62 37.08 -31.56
CA LYS B 352 14.52 37.77 -32.22
C LYS B 352 13.42 38.03 -31.20
N VAL B 353 12.59 39.03 -31.51
CA VAL B 353 11.41 39.35 -30.72
C VAL B 353 10.18 38.92 -31.50
N THR B 354 9.31 38.13 -30.87
CA THR B 354 8.10 37.65 -31.51
C THR B 354 6.94 37.77 -30.54
N GLU B 355 5.75 38.03 -31.09
CA GLU B 355 4.54 38.12 -30.28
C GLU B 355 4.22 36.77 -29.66
N GLU B 356 3.31 36.80 -28.68
CA GLU B 356 2.96 35.58 -27.96
C GLU B 356 2.23 34.59 -28.86
N LYS B 357 1.32 35.08 -29.70
CA LYS B 357 0.54 34.18 -30.55
C LYS B 357 1.43 33.52 -31.61
N ASP B 358 2.41 34.25 -32.14
CA ASP B 358 3.31 33.67 -33.13
C ASP B 358 4.14 32.54 -32.52
N PHE B 359 4.63 32.74 -31.29
CA PHE B 359 5.37 31.69 -30.62
C PHE B 359 4.48 30.49 -30.28
N LEU B 360 3.26 30.76 -29.81
CA LEU B 360 2.34 29.68 -29.49
C LEU B 360 1.98 28.88 -30.73
N ASN B 361 1.89 29.53 -31.90
CA ASN B 361 1.66 28.82 -33.15
C ASN B 361 2.90 28.10 -33.62
N SER B 362 4.09 28.62 -33.31
CA SER B 362 5.33 27.90 -33.61
C SER B 362 5.42 26.62 -32.80
N LEU B 363 4.84 26.61 -31.59
CA LEU B 363 4.81 25.39 -30.80
C LEU B 363 3.86 24.36 -31.42
N SER B 364 2.60 24.73 -31.60
CA SER B 364 1.57 23.81 -32.06
C SER B 364 1.70 23.56 -33.56
N PRO B 365 1.14 22.43 -34.05
CA PRO B 365 1.12 22.16 -35.49
C PRO B 365 0.30 23.18 -36.28
N PRO B 369 4.48 20.51 -36.49
CA PRO B 369 5.32 19.51 -35.81
C PRO B 369 6.79 19.63 -36.20
N THR B 370 7.26 20.87 -36.37
CA THR B 370 8.64 21.12 -36.77
C THR B 370 9.59 20.88 -35.60
N SER B 371 9.65 21.84 -34.68
CA SER B 371 10.51 21.75 -33.50
C SER B 371 9.63 21.51 -32.28
N THR B 372 9.82 20.37 -31.62
CA THR B 372 9.06 20.02 -30.43
C THR B 372 9.78 20.50 -29.17
N PRO B 373 9.03 20.93 -28.15
CA PRO B 373 9.68 21.44 -26.93
C PRO B 373 10.32 20.31 -26.14
N TYR B 374 11.43 20.65 -25.47
CA TYR B 374 12.17 19.70 -24.65
C TYR B 374 12.15 20.03 -23.17
N LEU B 375 12.18 21.32 -22.81
CA LEU B 375 12.18 21.73 -21.41
C LEU B 375 11.21 22.88 -21.22
N LEU B 376 10.47 22.83 -20.11
CA LEU B 376 9.55 23.90 -19.74
C LEU B 376 9.95 24.49 -18.40
N PHE B 377 9.65 25.78 -18.22
CA PHE B 377 10.00 26.46 -16.97
C PHE B 377 8.83 27.33 -16.53
N TYR B 378 8.46 27.22 -15.26
CA TYR B 378 7.33 27.95 -14.70
C TYR B 378 7.76 28.67 -13.43
N LYS B 379 7.60 29.99 -13.39
CA LYS B 379 7.96 30.76 -12.21
C LYS B 379 6.72 31.10 -11.40
N LYS B 380 6.95 31.36 -10.11
CA LYS B 380 5.85 31.64 -9.19
C LYS B 380 5.23 33.00 -9.50
N LEU B 381 3.91 33.04 -9.48
CA LEU B 381 3.17 34.27 -9.78
C LEU B 381 2.65 34.92 -8.50
#